data_3TTF
#
_entry.id   3TTF
#
_cell.length_a   46.361
_cell.length_b   75.628
_cell.length_c   200.668
_cell.angle_alpha   90.00
_cell.angle_beta   90.00
_cell.angle_gamma   90.00
#
_symmetry.space_group_name_H-M   'P 21 21 21'
#
loop_
_entity.id
_entity.type
_entity.pdbx_description
1 polymer 'Transcriptional regulatory protein'
2 non-polymer 'ZINC ION'
3 non-polymer 'MAGNESIUM ION'
4 non-polymer 'ADENOSINE MONOPHOSPHATE'
5 water water
#
_entity_poly.entity_id   1
_entity_poly.type   'polypeptide(L)'
_entity_poly.pdbx_seq_one_letter_code
;GSQSAGGAMNTQIVPDAATCPACLAEMNTPGERRYRYPFINCTHCGPRFTIIRAMPYDRPFTVMAAFPLCPACDKEYRDP
LDRRFHAQPVACPECGPYLEWVSHGEHAEQEAALQAAIAQLKMGNIVAIKGIGGFHLACDARNSNAVATLRARKHRPAKP
LAVMLPVADGLPDAARQLLTTPAAPIVLVDKKYVPELCDDIAPGLNEVGVMLPANPLQHLLLQELQCPLVMTSGNLSGKP
PAISNEQALEDLQGIADGFLIHNRDIVQRMDDSVVRESGEMLRRSRGYVPDALALPPGFKNVPPVLCLGADLKNTFCLVR
GEQVVLSQHLGDLSDDGIQTQWREALRLMQNIYNFTPQYVVHDAHPGYVSCQWASEMNLPTQTVLHHHAHAAACLAEHQW
PLDGGDVIALTLDGIGMGENGALWGGECLRVNYRECEHLGGLPAVALPGGDLAAKQPWRNLLAQCLRFVPEWQNYPETAS
VAAANWSVLARAIERGINAPLASSCGRLFDAVAAALGCAPATLSYEGEAACALEALAASCDGVTHPVTMPRVDNQLDLAT
FWQQWLNWQAPVNQRAWAFHDALAQGFAALMREQATMRGITTLVFSGGVIHNRLLRARLAHYLADFTLLFPQSLPAGDGG
LSLGQGVIAAARWLAGE
;
_entity_poly.pdbx_strand_id   A
#
# COMPACT_ATOMS: atom_id res chain seq x y z
N GLN A 12 -5.95 4.22 26.84
CA GLN A 12 -5.72 4.41 25.38
C GLN A 12 -5.60 3.05 24.72
N ILE A 13 -6.22 2.85 23.56
CA ILE A 13 -5.86 1.64 22.81
C ILE A 13 -4.76 1.97 21.79
N VAL A 14 -3.78 1.10 21.72
CA VAL A 14 -2.55 1.33 20.99
C VAL A 14 -2.48 0.27 19.87
N PRO A 15 -1.61 0.47 18.87
CA PRO A 15 -1.56 -0.55 17.83
C PRO A 15 -1.15 -1.95 18.30
N ASP A 16 -1.46 -2.99 17.53
CA ASP A 16 -0.94 -4.34 17.78
C ASP A 16 0.58 -4.22 17.77
N ALA A 17 1.29 -4.85 18.73
CA ALA A 17 2.74 -4.60 18.85
C ALA A 17 3.60 -5.88 18.87
N ALA A 18 4.78 -5.80 18.25
CA ALA A 18 5.68 -6.97 18.13
C ALA A 18 6.04 -7.53 19.50
N THR A 19 6.03 -8.85 19.61
CA THR A 19 6.50 -9.54 20.81
C THR A 19 7.78 -8.91 21.40
N CYS A 20 7.72 -8.53 22.69
CA CYS A 20 8.84 -7.87 23.40
C CYS A 20 9.97 -8.83 23.80
N PRO A 21 11.19 -8.32 24.02
CA PRO A 21 12.31 -9.18 24.40
C PRO A 21 12.04 -10.00 25.68
N ALA A 22 11.31 -9.43 26.63
CA ALA A 22 10.92 -10.13 27.85
C ALA A 22 10.07 -11.37 27.58
N CYS A 23 9.02 -11.22 26.77
CA CYS A 23 8.19 -12.34 26.36
C CYS A 23 8.95 -13.36 25.51
N LEU A 24 9.81 -12.89 24.63
CA LEU A 24 10.67 -13.78 23.85
C LEU A 24 11.58 -14.64 24.75
N ALA A 25 12.15 -14.06 25.81
CA ALA A 25 12.97 -14.84 26.77
C ALA A 25 12.17 -15.86 27.55
N GLU A 26 10.98 -15.47 28.02
CA GLU A 26 10.11 -16.37 28.76
C GLU A 26 9.70 -17.59 27.92
N MET A 27 9.31 -17.35 26.67
CA MET A 27 8.92 -18.41 25.74
C MET A 27 10.09 -19.37 25.46
N ASN A 28 11.31 -18.85 25.53
CA ASN A 28 12.53 -19.59 25.22
C ASN A 28 13.20 -20.31 26.41
N THR A 29 12.69 -20.13 27.64
CA THR A 29 13.33 -20.75 28.81
C THR A 29 12.56 -21.96 29.35
N PRO A 30 13.16 -23.16 29.26
CA PRO A 30 12.59 -24.39 29.83
C PRO A 30 12.18 -24.24 31.31
N GLY A 31 11.05 -24.82 31.67
CA GLY A 31 10.58 -24.77 33.06
C GLY A 31 9.67 -23.60 33.39
N GLU A 32 9.67 -22.58 32.54
CA GLU A 32 8.69 -21.48 32.60
C GLU A 32 7.34 -22.03 32.18
N ARG A 33 6.26 -21.54 32.76
CA ARG A 33 4.92 -22.04 32.41
C ARG A 33 4.58 -21.77 30.93
N ARG A 34 5.08 -20.66 30.40
CA ARG A 34 4.80 -20.27 29.01
C ARG A 34 5.94 -20.65 28.06
N TYR A 35 6.67 -21.70 28.43
CA TYR A 35 7.73 -22.24 27.58
C TYR A 35 7.15 -22.78 26.27
N ARG A 36 7.54 -22.13 25.16
CA ARG A 36 7.06 -22.40 23.80
C ARG A 36 5.54 -22.25 23.62
N TYR A 37 4.97 -21.32 24.38
CA TYR A 37 3.55 -20.99 24.27
C TYR A 37 3.41 -19.91 23.19
N PRO A 38 2.77 -20.24 22.05
CA PRO A 38 2.74 -19.34 20.89
C PRO A 38 1.83 -18.13 21.06
N PHE A 39 1.28 -17.96 22.25
CA PHE A 39 0.30 -16.91 22.48
C PHE A 39 0.74 -16.00 23.62
N ILE A 40 1.99 -16.15 24.05
CA ILE A 40 2.54 -15.32 25.11
C ILE A 40 2.52 -13.84 24.68
N ASN A 41 2.14 -12.98 25.62
CA ASN A 41 2.21 -11.53 25.48
C ASN A 41 2.10 -10.95 26.87
N CYS A 42 2.24 -9.62 26.98
CA CYS A 42 2.09 -8.93 28.25
C CYS A 42 1.65 -7.50 27.99
N THR A 43 1.94 -6.61 28.94
CA THR A 43 1.52 -5.22 28.89
C THR A 43 2.16 -4.43 27.75
N HIS A 44 3.38 -4.80 27.36
CA HIS A 44 4.13 -4.03 26.34
C HIS A 44 4.07 -4.59 24.93
N CYS A 45 3.36 -5.70 24.74
CA CYS A 45 3.34 -6.38 23.46
C CYS A 45 2.10 -7.24 23.29
N GLY A 46 1.83 -7.61 22.04
CA GLY A 46 0.77 -8.55 21.71
C GLY A 46 -0.32 -7.88 20.90
N PRO A 47 -1.41 -8.58 20.62
CA PRO A 47 -2.44 -8.00 19.77
C PRO A 47 -3.32 -7.08 20.59
N ARG A 48 -3.79 -5.99 19.98
CA ARG A 48 -4.66 -5.02 20.67
C ARG A 48 -5.92 -4.85 19.83
N PHE A 49 -5.84 -3.94 18.86
CA PHE A 49 -6.95 -3.61 17.98
C PHE A 49 -7.62 -4.87 17.38
N THR A 50 -6.83 -5.88 17.02
CA THR A 50 -7.33 -7.05 16.29
C THR A 50 -8.08 -8.04 17.19
N ILE A 51 -8.02 -7.81 18.50
CA ILE A 51 -8.71 -8.71 19.44
C ILE A 51 -9.84 -8.04 20.25
N ILE A 52 -10.26 -6.84 19.86
CA ILE A 52 -11.33 -6.12 20.58
C ILE A 52 -12.66 -6.28 19.83
N ARG A 53 -13.65 -6.84 20.51
CA ARG A 53 -15.01 -6.97 19.95
C ARG A 53 -15.81 -5.68 20.10
N ALA A 54 -15.68 -5.04 21.26
CA ALA A 54 -16.34 -3.78 21.57
C ALA A 54 -15.58 -3.15 22.74
N MET A 55 -15.83 -1.88 23.05
CA MET A 55 -15.13 -1.21 24.18
C MET A 55 -15.81 -1.44 25.57
N PRO A 56 -15.03 -1.29 26.70
CA PRO A 56 -13.59 -0.98 26.77
C PRO A 56 -12.65 -2.19 26.64
N TYR A 57 -11.35 -1.89 26.73
CA TYR A 57 -10.33 -2.93 26.62
C TYR A 57 -10.26 -3.68 27.94
N ASP A 58 -11.07 -4.73 28.02
CA ASP A 58 -11.18 -5.58 29.19
C ASP A 58 -11.48 -6.98 28.66
N ARG A 59 -10.92 -8.00 29.32
CA ARG A 59 -11.12 -9.41 28.95
C ARG A 59 -12.56 -9.76 28.51
N PRO A 60 -13.61 -9.41 29.32
CA PRO A 60 -15.02 -9.45 28.86
C PRO A 60 -15.36 -8.95 27.42
N PHE A 61 -14.64 -7.92 26.92
CA PHE A 61 -14.94 -7.32 25.60
C PHE A 61 -13.83 -7.54 24.55
N THR A 62 -12.95 -8.47 24.84
CA THR A 62 -12.00 -8.99 23.86
C THR A 62 -12.34 -10.45 23.54
N VAL A 63 -11.64 -10.94 22.53
CA VAL A 63 -11.61 -12.32 22.10
C VAL A 63 -11.25 -13.27 23.27
N MET A 64 -10.60 -12.72 24.29
CA MET A 64 -10.05 -13.49 25.41
C MET A 64 -11.03 -13.73 26.57
N ALA A 65 -12.28 -13.28 26.40
CA ALA A 65 -13.36 -13.61 27.32
C ALA A 65 -13.74 -15.09 27.24
N ALA A 66 -13.37 -15.75 26.15
CA ALA A 66 -13.64 -17.18 25.95
C ALA A 66 -12.61 -18.10 26.65
N PHE A 67 -11.59 -17.50 27.26
CA PHE A 67 -10.53 -18.24 27.95
C PHE A 67 -10.34 -17.72 29.38
N PRO A 68 -11.24 -18.12 30.32
CA PRO A 68 -11.06 -17.68 31.71
C PRO A 68 -9.71 -18.14 32.28
N LEU A 69 -9.06 -17.25 33.05
CA LEU A 69 -7.70 -17.51 33.50
C LEU A 69 -7.67 -18.62 34.51
N CYS A 70 -6.80 -19.60 34.30
CA CYS A 70 -6.57 -20.62 35.32
C CYS A 70 -5.96 -19.96 36.57
N PRO A 71 -6.10 -20.59 37.75
CA PRO A 71 -5.50 -20.07 38.99
C PRO A 71 -4.04 -19.59 38.93
N ALA A 72 -3.20 -20.29 38.15
CA ALA A 72 -1.80 -19.89 38.00
C ALA A 72 -1.61 -18.50 37.36
N CYS A 73 -2.31 -18.23 36.26
CA CYS A 73 -2.24 -16.92 35.58
C CYS A 73 -2.98 -15.84 36.35
N ASP A 74 -4.00 -16.26 37.10
CA ASP A 74 -4.80 -15.37 37.96
C ASP A 74 -3.92 -14.62 38.95
N LYS A 75 -3.00 -15.34 39.61
CA LYS A 75 -2.02 -14.73 40.52
C LYS A 75 -1.22 -13.59 39.85
N GLU A 76 -0.87 -13.78 38.58
CA GLU A 76 -0.04 -12.83 37.84
C GLU A 76 -0.80 -11.56 37.45
N TYR A 77 -2.06 -11.73 37.05
CA TYR A 77 -2.96 -10.62 36.68
C TYR A 77 -3.14 -9.60 37.82
N ARG A 78 -3.23 -10.12 39.05
CA ARG A 78 -3.36 -9.31 40.26
C ARG A 78 -2.08 -8.50 40.53
N ASP A 79 -0.98 -9.23 40.82
CA ASP A 79 0.32 -8.67 41.21
C ASP A 79 0.70 -7.37 40.49
N PRO A 80 0.93 -6.28 41.27
CA PRO A 80 1.32 -4.98 40.70
C PRO A 80 2.75 -4.98 40.15
N LEU A 81 3.65 -5.69 40.81
CA LEU A 81 5.06 -5.76 40.42
C LEU A 81 5.30 -6.62 39.16
N ASP A 82 4.37 -7.53 38.89
CA ASP A 82 4.41 -8.41 37.72
C ASP A 82 4.26 -7.61 36.42
N ARG A 83 4.97 -8.05 35.38
CA ARG A 83 4.92 -7.42 34.05
C ARG A 83 3.56 -7.70 33.38
N ARG A 84 2.69 -8.39 34.11
CA ARG A 84 1.38 -8.81 33.58
C ARG A 84 0.18 -8.28 34.37
N PHE A 85 0.41 -7.24 35.17
CA PHE A 85 -0.65 -6.46 35.78
C PHE A 85 -1.58 -6.02 34.64
N HIS A 86 -2.82 -6.53 34.67
CA HIS A 86 -3.86 -6.20 33.68
C HIS A 86 -3.50 -6.41 32.20
N ALA A 87 -2.69 -7.43 31.92
CA ALA A 87 -2.51 -7.86 30.54
C ALA A 87 -3.79 -8.61 30.13
N GLN A 88 -4.63 -7.96 29.33
CA GLN A 88 -5.94 -8.52 29.01
C GLN A 88 -5.90 -9.96 28.44
N PRO A 89 -5.20 -10.19 27.30
CA PRO A 89 -4.98 -11.59 26.86
C PRO A 89 -4.35 -12.49 27.93
N VAL A 90 -3.08 -12.23 28.30
CA VAL A 90 -2.31 -13.12 29.18
C VAL A 90 -2.58 -14.61 28.86
N ALA A 91 -2.85 -15.44 29.85
CA ALA A 91 -3.08 -16.89 29.66
C ALA A 91 -1.79 -17.68 29.42
N CYS A 92 -1.90 -19.01 29.46
CA CYS A 92 -0.76 -19.94 29.40
C CYS A 92 -1.23 -21.21 28.69
N PRO A 93 -0.34 -22.23 28.54
CA PRO A 93 -0.77 -23.48 27.90
C PRO A 93 -1.91 -24.22 28.64
N GLU A 94 -2.06 -23.95 29.94
CA GLU A 94 -3.15 -24.55 30.72
C GLU A 94 -4.54 -24.00 30.40
N CYS A 95 -4.65 -22.70 30.12
CA CYS A 95 -5.96 -22.06 29.95
C CYS A 95 -6.15 -21.31 28.63
N GLY A 96 -5.07 -21.11 27.86
CA GLY A 96 -5.11 -20.28 26.66
C GLY A 96 -5.55 -20.93 25.35
N PRO A 97 -5.45 -20.18 24.23
CA PRO A 97 -5.60 -20.83 22.94
C PRO A 97 -4.47 -21.83 22.76
N TYR A 98 -4.68 -22.76 21.83
CA TYR A 98 -3.66 -23.74 21.50
C TYR A 98 -3.65 -23.87 20.00
N LEU A 99 -2.50 -24.24 19.47
CA LEU A 99 -2.29 -24.48 18.03
C LEU A 99 -3.03 -25.71 17.53
N GLU A 100 -3.47 -25.67 16.27
CA GLU A 100 -4.03 -26.83 15.59
C GLU A 100 -3.49 -26.95 14.17
N TRP A 101 -3.27 -28.18 13.75
CA TRP A 101 -2.75 -28.48 12.42
C TRP A 101 -3.74 -29.35 11.67
N VAL A 102 -3.95 -29.02 10.40
CA VAL A 102 -4.89 -29.72 9.54
C VAL A 102 -4.23 -29.89 8.19
N SER A 103 -4.22 -31.12 7.69
CA SER A 103 -3.61 -31.45 6.40
C SER A 103 -4.02 -32.84 5.86
N HIS A 104 -4.83 -32.86 4.80
CA HIS A 104 -5.20 -34.09 4.07
C HIS A 104 -5.20 -35.34 4.94
N GLY A 105 -6.10 -35.39 5.91
CA GLY A 105 -6.19 -36.56 6.78
C GLY A 105 -5.00 -36.64 7.73
N GLU A 106 -4.56 -35.48 8.21
CA GLU A 106 -3.73 -35.41 9.41
C GLU A 106 -4.36 -34.37 10.33
N HIS A 107 -4.23 -34.58 11.63
CA HIS A 107 -4.61 -33.60 12.61
C HIS A 107 -3.59 -33.71 13.72
N ALA A 108 -3.18 -32.56 14.23
CA ALA A 108 -2.37 -32.50 15.43
C ALA A 108 -2.76 -31.26 16.22
N GLU A 109 -2.20 -31.14 17.41
CA GLU A 109 -2.51 -30.06 18.32
C GLU A 109 -1.27 -29.67 19.09
N GLN A 110 -1.25 -28.42 19.58
CA GLN A 110 -0.19 -27.91 20.45
C GLN A 110 1.20 -28.03 19.82
N GLU A 111 2.19 -28.53 20.56
CA GLU A 111 3.57 -28.66 20.04
C GLU A 111 3.62 -29.55 18.83
N ALA A 112 2.78 -30.60 18.84
CA ALA A 112 2.69 -31.54 17.72
C ALA A 112 2.23 -30.88 16.41
N ALA A 113 1.32 -29.92 16.52
CA ALA A 113 0.83 -29.14 15.39
C ALA A 113 1.95 -28.26 14.82
N LEU A 114 2.65 -27.55 15.73
CA LEU A 114 3.80 -26.78 15.34
C LEU A 114 4.82 -27.63 14.58
N GLN A 115 5.13 -28.81 15.12
CA GLN A 115 6.19 -29.61 14.53
C GLN A 115 5.81 -30.16 13.16
N ALA A 116 4.52 -30.42 12.94
CA ALA A 116 4.04 -30.83 11.61
C ALA A 116 4.22 -29.73 10.57
N ALA A 117 3.97 -28.49 10.98
CA ALA A 117 4.10 -27.33 10.09
C ALA A 117 5.55 -27.11 9.71
N ILE A 118 6.42 -27.22 10.70
CA ILE A 118 7.87 -27.12 10.50
C ILE A 118 8.35 -28.15 9.48
N ALA A 119 7.92 -29.41 9.63
CA ALA A 119 8.33 -30.50 8.73
C ALA A 119 7.85 -30.27 7.30
N GLN A 120 6.62 -29.79 7.16
CA GLN A 120 6.10 -29.43 5.85
C GLN A 120 6.94 -28.33 5.21
N LEU A 121 7.37 -27.36 6.01
CA LEU A 121 8.10 -26.22 5.46
C LEU A 121 9.49 -26.66 5.04
N LYS A 122 10.07 -27.58 5.83
CA LYS A 122 11.39 -28.17 5.52
C LYS A 122 11.34 -29.04 4.28
N MET A 123 10.18 -29.64 4.02
CA MET A 123 9.98 -30.50 2.87
C MET A 123 9.83 -29.72 1.58
N GLY A 124 9.73 -28.39 1.69
CA GLY A 124 9.51 -27.55 0.52
C GLY A 124 8.05 -27.32 0.16
N ASN A 125 7.18 -27.54 1.14
CA ASN A 125 5.74 -27.41 0.94
C ASN A 125 5.27 -26.05 1.36
N ILE A 126 3.99 -25.78 1.10
CA ILE A 126 3.37 -24.48 1.39
C ILE A 126 2.40 -24.62 2.57
N VAL A 127 2.63 -23.86 3.63
CA VAL A 127 1.67 -23.87 4.72
C VAL A 127 1.00 -22.52 4.99
N ALA A 128 -0.32 -22.57 5.21
CA ALA A 128 -1.10 -21.41 5.68
C ALA A 128 -0.95 -21.27 7.20
N ILE A 129 -0.55 -20.09 7.66
CA ILE A 129 -0.25 -19.89 9.07
C ILE A 129 -1.12 -18.75 9.57
N LYS A 130 -1.86 -18.99 10.65
CA LYS A 130 -2.65 -17.92 11.26
C LYS A 130 -1.73 -16.88 11.92
N GLY A 131 -1.89 -15.62 11.53
CA GLY A 131 -1.11 -14.50 12.10
C GLY A 131 -1.99 -13.63 12.98
N ILE A 132 -1.63 -12.36 13.13
CA ILE A 132 -2.32 -11.41 14.03
C ILE A 132 -3.56 -10.79 13.36
N GLY A 133 -3.45 -10.42 12.08
CA GLY A 133 -4.50 -9.68 11.41
C GLY A 133 -5.01 -10.39 10.18
N GLY A 134 -4.69 -11.68 10.08
CA GLY A 134 -5.15 -12.53 8.98
C GLY A 134 -4.25 -13.74 8.91
N PHE A 135 -4.30 -14.48 7.80
CA PHE A 135 -3.41 -15.64 7.58
C PHE A 135 -2.29 -15.30 6.59
N HIS A 136 -1.17 -16.03 6.68
CA HIS A 136 -0.11 -15.94 5.66
C HIS A 136 0.06 -17.29 4.94
N LEU A 137 0.59 -17.26 3.73
CA LEU A 137 1.01 -18.48 3.02
C LEU A 137 2.52 -18.44 3.03
N ALA A 138 3.14 -19.53 3.46
CA ALA A 138 4.58 -19.55 3.64
C ALA A 138 5.24 -20.76 2.95
N CYS A 139 6.48 -20.55 2.50
CA CYS A 139 7.36 -21.62 2.02
C CYS A 139 8.75 -21.10 2.08
N ASP A 140 9.72 -21.99 1.82
CA ASP A 140 11.13 -21.65 1.83
C ASP A 140 11.38 -20.69 0.66
N ALA A 141 11.84 -19.47 0.95
CA ALA A 141 12.07 -18.46 -0.09
C ALA A 141 13.28 -18.77 -0.96
N ARG A 142 14.11 -19.71 -0.50
CA ARG A 142 15.27 -20.20 -1.29
C ARG A 142 14.90 -21.28 -2.32
N ASN A 143 13.79 -21.96 -2.09
CA ASN A 143 13.37 -23.07 -2.93
C ASN A 143 12.51 -22.62 -4.12
N SER A 144 13.14 -22.58 -5.30
CA SER A 144 12.51 -22.17 -6.57
C SER A 144 11.26 -22.96 -6.96
N ASN A 145 11.24 -24.28 -6.73
CA ASN A 145 10.02 -25.08 -7.04
C ASN A 145 8.88 -24.68 -6.12
N ALA A 146 9.17 -24.46 -4.84
CA ALA A 146 8.10 -24.12 -3.90
C ALA A 146 7.49 -22.76 -4.27
N VAL A 147 8.36 -21.80 -4.60
CA VAL A 147 7.87 -20.47 -4.89
C VAL A 147 7.09 -20.50 -6.21
N ALA A 148 7.62 -21.19 -7.22
CA ALA A 148 6.89 -21.29 -8.50
C ALA A 148 5.54 -21.98 -8.31
N THR A 149 5.51 -23.00 -7.44
CA THR A 149 4.27 -23.71 -7.09
C THR A 149 3.30 -22.76 -6.41
N LEU A 150 3.81 -21.92 -5.51
CA LEU A 150 2.95 -20.96 -4.82
C LEU A 150 2.38 -19.96 -5.82
N ARG A 151 3.22 -19.45 -6.71
CA ARG A 151 2.75 -18.51 -7.73
C ARG A 151 1.70 -19.14 -8.63
N ALA A 152 1.97 -20.35 -9.13
CA ALA A 152 1.05 -21.06 -10.02
C ALA A 152 -0.34 -21.28 -9.39
N ARG A 153 -0.35 -21.79 -8.14
CA ARG A 153 -1.62 -22.07 -7.45
C ARG A 153 -2.35 -20.80 -7.12
N LYS A 154 -1.61 -19.70 -6.94
CA LYS A 154 -2.27 -18.46 -6.53
C LYS A 154 -2.59 -17.61 -7.77
N HIS A 155 -2.17 -18.06 -8.94
CA HIS A 155 -2.31 -17.27 -10.19
C HIS A 155 -1.68 -15.88 -10.06
N ARG A 156 -0.47 -15.83 -9.51
CA ARG A 156 0.25 -14.57 -9.16
C ARG A 156 1.59 -14.73 -9.83
N PRO A 157 1.65 -14.46 -11.16
CA PRO A 157 2.87 -14.79 -11.85
C PRO A 157 4.06 -13.88 -11.54
N ALA A 158 3.82 -12.70 -11.00
CA ALA A 158 4.91 -11.71 -10.89
C ALA A 158 4.91 -10.87 -9.62
N LYS A 159 3.73 -10.49 -9.11
CA LYS A 159 3.69 -9.54 -7.99
C LYS A 159 4.65 -10.00 -6.87
N PRO A 160 5.55 -9.11 -6.38
CA PRO A 160 6.58 -9.55 -5.42
C PRO A 160 6.03 -10.13 -4.14
N LEU A 161 6.73 -11.13 -3.62
CA LEU A 161 6.35 -11.80 -2.37
C LEU A 161 7.13 -11.24 -1.16
N ALA A 162 6.45 -11.01 -0.03
CA ALA A 162 7.14 -10.61 1.18
C ALA A 162 7.90 -11.82 1.75
N VAL A 163 9.00 -11.55 2.43
CA VAL A 163 9.81 -12.64 2.97
C VAL A 163 10.14 -12.39 4.41
N MET A 164 10.04 -13.42 5.27
CA MET A 164 10.39 -13.26 6.68
C MET A 164 11.77 -13.86 6.93
N LEU A 165 12.66 -13.08 7.56
CA LEU A 165 14.03 -13.50 7.81
C LEU A 165 14.16 -13.87 9.26
N PRO A 166 15.06 -14.80 9.58
CA PRO A 166 15.13 -15.12 11.02
C PRO A 166 15.70 -13.98 11.86
N VAL A 167 16.61 -13.19 11.29
CA VAL A 167 17.30 -12.04 11.96
C VAL A 167 17.56 -10.96 10.93
N ALA A 168 17.92 -9.74 11.39
CA ALA A 168 18.18 -8.59 10.48
C ALA A 168 19.65 -8.47 10.04
N ASP A 169 20.47 -9.43 10.45
CA ASP A 169 21.90 -9.40 10.15
C ASP A 169 22.20 -9.13 8.67
N GLY A 170 23.17 -8.24 8.41
CA GLY A 170 23.62 -7.93 7.05
C GLY A 170 22.82 -6.86 6.29
N LEU A 171 21.72 -6.41 6.87
CA LEU A 171 20.93 -5.32 6.26
C LEU A 171 21.43 -3.94 6.69
N PRO A 172 21.15 -2.92 5.87
CA PRO A 172 21.60 -1.62 6.35
C PRO A 172 21.01 -1.23 7.68
N ASP A 173 21.74 -0.34 8.37
CA ASP A 173 21.31 0.23 9.66
C ASP A 173 19.86 0.73 9.64
N ALA A 174 19.55 1.61 8.68
CA ALA A 174 18.18 2.14 8.57
C ALA A 174 17.13 1.02 8.51
N ALA A 175 17.43 -0.07 7.76
CA ALA A 175 16.45 -1.19 7.63
C ALA A 175 16.31 -1.97 8.92
N ARG A 176 17.43 -2.23 9.59
CA ARG A 176 17.40 -2.99 10.86
C ARG A 176 16.65 -2.17 11.92
N GLN A 177 16.85 -0.86 11.95
CA GLN A 177 16.14 0.03 12.90
C GLN A 177 14.63 -0.14 12.71
N LEU A 178 14.18 0.04 11.48
CA LEU A 178 12.77 -0.01 11.16
C LEU A 178 12.17 -1.41 11.38
N LEU A 179 12.94 -2.45 11.05
CA LEU A 179 12.44 -3.82 11.15
C LEU A 179 12.18 -4.25 12.59
N THR A 180 12.90 -3.64 13.51
CA THR A 180 12.94 -4.12 14.90
C THR A 180 12.03 -3.25 15.78
N THR A 181 11.25 -2.34 15.19
CA THR A 181 10.27 -1.50 15.93
C THR A 181 9.07 -2.32 16.37
N PRO A 182 8.31 -1.86 17.40
CA PRO A 182 7.07 -2.57 17.76
C PRO A 182 6.12 -2.70 16.57
N ALA A 183 6.15 -1.79 15.58
CA ALA A 183 5.25 -1.97 14.42
C ALA A 183 5.66 -3.17 13.56
N ALA A 184 6.96 -3.48 13.56
CA ALA A 184 7.51 -4.61 12.79
C ALA A 184 6.97 -4.64 11.35
N PRO A 185 7.20 -3.56 10.59
CA PRO A 185 6.69 -3.59 9.23
C PRO A 185 7.54 -4.46 8.29
N ILE A 186 7.00 -4.71 7.09
CA ILE A 186 7.81 -5.14 5.95
C ILE A 186 8.65 -3.92 5.52
N VAL A 187 9.96 -4.12 5.29
CA VAL A 187 10.78 -3.02 4.86
C VAL A 187 11.37 -3.39 3.50
N LEU A 188 11.23 -2.53 2.52
CA LEU A 188 11.77 -2.75 1.17
C LEU A 188 13.26 -2.45 1.16
N VAL A 189 14.06 -3.36 0.63
CA VAL A 189 15.55 -3.33 0.77
C VAL A 189 16.08 -3.79 -0.59
N ASP A 190 17.17 -3.22 -1.07
CA ASP A 190 17.80 -3.74 -2.28
C ASP A 190 18.01 -5.25 -2.20
N LYS A 191 17.61 -5.99 -3.25
CA LYS A 191 17.68 -7.43 -3.14
C LYS A 191 19.15 -7.90 -3.15
N LYS A 192 20.08 -7.03 -3.51
CA LYS A 192 21.53 -7.42 -3.41
C LYS A 192 21.91 -7.89 -2.00
N TYR A 193 21.16 -7.43 -0.98
CA TYR A 193 21.48 -7.74 0.40
C TYR A 193 21.01 -9.10 0.79
N VAL A 194 20.18 -9.72 -0.04
CA VAL A 194 19.50 -10.96 0.35
C VAL A 194 19.67 -12.07 -0.70
N PRO A 195 20.93 -12.49 -0.93
CA PRO A 195 21.21 -13.38 -2.04
C PRO A 195 20.59 -14.76 -1.87
N GLU A 196 20.25 -15.15 -0.65
CA GLU A 196 19.63 -16.48 -0.48
C GLU A 196 18.28 -16.61 -1.18
N LEU A 197 17.58 -15.49 -1.41
CA LEU A 197 16.23 -15.59 -1.96
C LEU A 197 16.28 -16.08 -3.41
N CYS A 198 15.34 -16.93 -3.83
CA CYS A 198 15.34 -17.33 -5.25
C CYS A 198 14.92 -16.14 -6.16
N ASP A 199 15.16 -16.21 -7.47
CA ASP A 199 14.78 -15.07 -8.33
C ASP A 199 13.29 -14.86 -8.52
N ASP A 200 12.48 -15.83 -8.08
CA ASP A 200 11.03 -15.77 -8.24
C ASP A 200 10.36 -15.00 -7.08
N ILE A 201 11.15 -14.42 -6.18
CA ILE A 201 10.55 -13.63 -5.08
C ILE A 201 10.03 -12.28 -5.59
N ALA A 202 10.91 -11.56 -6.31
CA ALA A 202 10.58 -10.21 -6.82
C ALA A 202 11.13 -10.10 -8.25
N PRO A 203 10.64 -10.96 -9.17
CA PRO A 203 11.28 -11.02 -10.51
C PRO A 203 11.14 -9.68 -11.27
N GLY A 204 12.21 -9.21 -11.89
CA GLY A 204 12.18 -7.92 -12.64
C GLY A 204 12.34 -6.64 -11.81
N LEU A 205 12.38 -6.79 -10.48
CA LEU A 205 12.45 -5.65 -9.58
C LEU A 205 13.80 -5.62 -8.84
N ASN A 206 14.12 -4.50 -8.20
CA ASN A 206 15.42 -4.31 -7.52
C ASN A 206 15.32 -4.47 -6.01
N GLU A 207 14.12 -4.41 -5.49
CA GLU A 207 13.86 -4.42 -4.07
C GLU A 207 13.10 -5.69 -3.65
N VAL A 208 13.25 -6.07 -2.40
CA VAL A 208 12.41 -7.16 -1.88
C VAL A 208 11.91 -6.68 -0.52
N GLY A 209 10.67 -6.99 -0.17
CA GLY A 209 10.11 -6.60 1.14
C GLY A 209 10.45 -7.71 2.15
N VAL A 210 11.20 -7.35 3.18
CA VAL A 210 11.61 -8.31 4.20
C VAL A 210 10.98 -7.89 5.51
N MET A 211 10.81 -8.88 6.36
CA MET A 211 10.17 -8.66 7.64
C MET A 211 10.80 -9.60 8.67
N LEU A 212 10.73 -9.22 9.95
CA LEU A 212 11.14 -10.06 11.05
C LEU A 212 9.94 -10.75 11.77
N PRO A 213 10.19 -11.93 12.41
CA PRO A 213 9.18 -12.54 13.26
C PRO A 213 8.72 -11.53 14.32
N ALA A 214 7.41 -11.39 14.49
CA ALA A 214 6.92 -10.32 15.35
C ALA A 214 5.73 -10.78 16.22
N ASN A 215 5.34 -12.05 16.08
CA ASN A 215 4.44 -12.73 17.02
C ASN A 215 5.11 -14.04 17.46
N PRO A 216 4.67 -14.65 18.58
CA PRO A 216 5.50 -15.75 19.12
C PRO A 216 5.54 -16.98 18.22
N LEU A 217 4.44 -17.21 17.49
CA LEU A 217 4.38 -18.36 16.57
C LEU A 217 5.42 -18.19 15.46
N GLN A 218 5.54 -16.95 14.95
CA GLN A 218 6.55 -16.65 13.92
C GLN A 218 7.94 -16.87 14.47
N HIS A 219 8.15 -16.45 15.72
CA HIS A 219 9.43 -16.67 16.39
C HIS A 219 9.81 -18.12 16.50
N LEU A 220 8.85 -18.93 16.96
CA LEU A 220 9.02 -20.39 17.05
C LEU A 220 9.39 -21.02 15.73
N LEU A 221 8.62 -20.68 14.68
CA LEU A 221 8.89 -21.15 13.33
C LEU A 221 10.31 -20.79 12.83
N LEU A 222 10.66 -19.51 12.90
CA LEU A 222 11.97 -19.05 12.38
C LEU A 222 13.17 -19.55 13.18
N GLN A 223 13.04 -19.67 14.50
CA GLN A 223 14.06 -20.31 15.34
C GLN A 223 14.33 -21.75 14.85
N GLU A 224 13.28 -22.42 14.43
CA GLU A 224 13.38 -23.81 13.97
C GLU A 224 13.92 -23.89 12.54
N LEU A 225 13.33 -23.10 11.65
CA LEU A 225 13.72 -23.19 10.26
C LEU A 225 15.05 -22.53 9.93
N GLN A 226 15.35 -21.43 10.60
CA GLN A 226 16.62 -20.75 10.43
C GLN A 226 16.87 -20.38 8.95
N CYS A 227 15.79 -20.06 8.25
CA CYS A 227 15.96 -19.67 6.87
C CYS A 227 14.86 -18.69 6.46
N PRO A 228 15.05 -18.03 5.30
CA PRO A 228 14.00 -17.07 4.88
C PRO A 228 12.76 -17.80 4.39
N LEU A 229 11.60 -17.28 4.76
CA LEU A 229 10.35 -17.88 4.39
C LEU A 229 9.53 -16.87 3.68
N VAL A 230 8.96 -17.27 2.55
CA VAL A 230 7.87 -16.49 1.99
C VAL A 230 6.81 -16.33 3.07
N MET A 231 6.22 -15.15 3.14
CA MET A 231 5.22 -14.91 4.15
C MET A 231 4.25 -13.91 3.53
N THR A 232 3.45 -14.41 2.60
CA THR A 232 2.55 -13.54 1.84
C THR A 232 1.09 -13.63 2.35
N SER A 233 0.27 -12.66 1.99
CA SER A 233 -1.10 -12.59 2.50
C SER A 233 -1.89 -13.83 2.12
N GLY A 234 -2.63 -14.41 3.07
CA GLY A 234 -3.48 -15.60 2.84
C GLY A 234 -4.80 -15.18 2.27
N ASN A 235 -4.77 -14.77 1.01
CA ASN A 235 -5.96 -14.38 0.29
C ASN A 235 -5.99 -15.08 -1.04
N LEU A 236 -7.20 -15.30 -1.52
CA LEU A 236 -7.47 -15.70 -2.89
C LEU A 236 -7.51 -14.38 -3.66
N SER A 237 -6.99 -14.37 -4.88
CA SER A 237 -7.00 -13.14 -5.72
C SER A 237 -8.44 -12.61 -5.96
N GLY A 238 -8.62 -11.28 -5.93
CA GLY A 238 -9.95 -10.65 -6.03
C GLY A 238 -10.81 -10.86 -4.78
N LYS A 239 -10.15 -11.27 -3.69
CA LYS A 239 -10.81 -11.50 -2.42
C LYS A 239 -9.96 -10.88 -1.32
N PRO A 240 -10.61 -10.42 -0.23
CA PRO A 240 -9.95 -9.95 1.00
C PRO A 240 -9.28 -11.09 1.76
N PRO A 241 -8.27 -10.80 2.58
CA PRO A 241 -7.64 -11.85 3.36
C PRO A 241 -8.70 -12.50 4.23
N ALA A 242 -8.59 -13.81 4.42
CA ALA A 242 -9.47 -14.49 5.36
C ALA A 242 -9.06 -14.08 6.78
N ILE A 243 -10.03 -13.90 7.68
CA ILE A 243 -9.73 -13.67 9.11
C ILE A 243 -10.23 -14.80 10.04
N SER A 244 -11.24 -15.56 9.61
CA SER A 244 -11.67 -16.75 10.37
C SER A 244 -11.03 -18.04 9.82
N ASN A 245 -10.89 -19.04 10.69
CA ASN A 245 -10.37 -20.35 10.31
C ASN A 245 -11.11 -20.95 9.12
N GLU A 246 -12.45 -20.93 9.21
CA GLU A 246 -13.35 -21.48 8.18
C GLU A 246 -13.07 -20.85 6.82
N GLN A 247 -12.96 -19.52 6.81
CA GLN A 247 -12.70 -18.81 5.56
C GLN A 247 -11.28 -19.16 5.04
N ALA A 248 -10.30 -19.28 5.95
CA ALA A 248 -8.94 -19.65 5.53
C ALA A 248 -8.99 -20.99 4.83
N LEU A 249 -9.60 -21.95 5.51
CA LEU A 249 -9.67 -23.34 5.04
C LEU A 249 -10.44 -23.49 3.71
N GLU A 250 -11.46 -22.65 3.51
CA GLU A 250 -12.18 -22.61 2.25
C GLU A 250 -11.42 -21.88 1.15
N ASP A 251 -10.90 -20.68 1.43
CA ASP A 251 -10.24 -19.88 0.38
C ASP A 251 -8.92 -20.49 -0.06
N LEU A 252 -8.26 -21.18 0.87
CA LEU A 252 -6.87 -21.53 0.71
C LEU A 252 -6.63 -23.02 0.48
N GLN A 253 -7.70 -23.80 0.36
CA GLN A 253 -7.58 -25.27 0.23
C GLN A 253 -6.84 -25.72 -1.04
N GLY A 254 -6.97 -24.98 -2.14
CA GLY A 254 -6.26 -25.32 -3.37
C GLY A 254 -4.85 -24.73 -3.46
N ILE A 255 -4.42 -24.01 -2.42
CA ILE A 255 -3.12 -23.31 -2.47
C ILE A 255 -2.15 -23.91 -1.47
N ALA A 256 -2.57 -23.98 -0.20
CA ALA A 256 -1.79 -24.54 0.91
C ALA A 256 -1.81 -26.06 0.95
N ASP A 257 -0.71 -26.63 1.44
CA ASP A 257 -0.59 -28.07 1.66
C ASP A 257 -0.98 -28.47 3.07
N GLY A 258 -1.01 -27.51 3.97
CA GLY A 258 -1.40 -27.75 5.36
C GLY A 258 -1.77 -26.43 5.98
N PHE A 259 -2.41 -26.49 7.15
CA PHE A 259 -2.88 -25.30 7.87
C PHE A 259 -2.46 -25.31 9.33
N LEU A 260 -1.67 -24.30 9.73
CA LEU A 260 -1.37 -24.06 11.14
C LEU A 260 -2.25 -22.92 11.62
N ILE A 261 -3.33 -23.31 12.29
CA ILE A 261 -4.33 -22.39 12.77
C ILE A 261 -4.43 -22.49 14.30
N HIS A 262 -5.41 -21.80 14.87
CA HIS A 262 -5.63 -21.80 16.31
C HIS A 262 -7.00 -21.25 16.64
N ASN A 263 -7.40 -21.40 17.91
CA ASN A 263 -8.75 -21.02 18.38
C ASN A 263 -8.83 -19.67 19.09
N ARG A 264 -7.88 -18.78 18.82
CA ARG A 264 -8.05 -17.39 19.23
C ARG A 264 -8.56 -16.63 18.01
N ASP A 265 -9.76 -16.04 18.12
CA ASP A 265 -10.35 -15.33 16.98
C ASP A 265 -9.53 -14.12 16.64
N ILE A 266 -9.58 -13.74 15.36
CA ILE A 266 -9.17 -12.41 14.89
C ILE A 266 -10.45 -11.64 14.58
N VAL A 267 -10.58 -10.44 15.11
CA VAL A 267 -11.82 -9.70 14.88
C VAL A 267 -11.69 -8.46 14.01
N GLN A 268 -10.46 -8.12 13.62
CA GLN A 268 -10.23 -7.06 12.66
C GLN A 268 -9.19 -7.55 11.68
N ARG A 269 -9.46 -7.36 10.39
CA ARG A 269 -8.41 -7.57 9.41
C ARG A 269 -7.32 -6.52 9.58
N MET A 270 -6.05 -6.96 9.59
CA MET A 270 -4.97 -6.01 9.80
C MET A 270 -3.70 -6.53 9.07
N ASP A 271 -3.49 -6.07 7.84
CA ASP A 271 -2.37 -6.54 7.00
C ASP A 271 -1.04 -6.05 7.60
N ASP A 272 0.07 -6.67 7.21
CA ASP A 272 1.36 -6.13 7.55
C ASP A 272 1.52 -4.74 6.97
N SER A 273 2.19 -3.83 7.68
CA SER A 273 2.54 -2.54 7.10
C SER A 273 3.75 -2.67 6.16
N VAL A 274 3.87 -1.72 5.21
CA VAL A 274 5.01 -1.70 4.24
C VAL A 274 5.60 -0.30 4.22
N VAL A 275 6.91 -0.24 4.46
CA VAL A 275 7.66 1.01 4.45
C VAL A 275 8.95 0.77 3.64
N ARG A 276 9.55 1.83 3.12
CA ARG A 276 10.88 1.73 2.56
C ARG A 276 11.93 1.95 3.60
N GLU A 277 13.13 1.47 3.29
CA GLU A 277 14.24 1.54 4.21
C GLU A 277 14.47 3.02 4.48
N SER A 278 14.15 3.83 3.47
CA SER A 278 14.20 5.29 3.57
C SER A 278 13.27 5.91 4.66
N GLY A 279 12.26 5.18 5.11
CA GLY A 279 11.23 5.70 6.04
C GLY A 279 9.85 5.93 5.41
N GLU A 280 9.82 6.04 4.07
CA GLU A 280 8.61 6.30 3.29
C GLU A 280 7.53 5.26 3.57
N MET A 281 6.34 5.72 3.96
CA MET A 281 5.22 4.82 4.18
C MET A 281 4.56 4.41 2.86
N LEU A 282 4.36 3.11 2.67
CA LEU A 282 3.66 2.57 1.50
C LEU A 282 2.30 1.99 1.88
N ARG A 283 2.23 1.20 2.95
CA ARG A 283 0.95 0.62 3.38
C ARG A 283 0.91 0.73 4.87
N ARG A 284 -0.10 1.47 5.37
CA ARG A 284 -0.18 1.75 6.81
C ARG A 284 -1.23 0.92 7.51
N SER A 285 -0.80 -0.12 8.23
CA SER A 285 -1.75 -1.03 8.88
C SER A 285 -1.20 -1.48 10.22
N ARG A 286 -0.93 -2.78 10.35
CA ARG A 286 -0.43 -3.34 11.59
C ARG A 286 0.66 -2.45 12.19
N GLY A 287 0.48 -2.11 13.47
CA GLY A 287 1.54 -1.43 14.20
C GLY A 287 1.42 0.07 14.15
N TYR A 288 0.57 0.60 13.27
CA TYR A 288 0.33 2.06 13.23
C TYR A 288 -1.13 2.39 13.55
N VAL A 289 -2.04 1.55 13.09
CA VAL A 289 -3.45 1.70 13.39
C VAL A 289 -3.81 1.13 14.78
N PRO A 290 -4.66 1.82 15.58
CA PRO A 290 -5.43 3.05 15.36
C PRO A 290 -4.88 4.41 15.90
N ASP A 291 -3.58 4.62 15.93
CA ASP A 291 -3.02 5.95 16.28
C ASP A 291 -3.64 7.12 15.53
N ALA A 292 -4.05 8.12 16.31
CA ALA A 292 -4.58 9.40 15.82
C ALA A 292 -3.43 10.30 15.38
N LEU A 293 -3.68 11.18 14.41
CA LEU A 293 -2.72 12.20 14.01
C LEU A 293 -3.28 13.59 14.32
N ALA A 294 -2.41 14.54 14.67
CA ALA A 294 -2.91 15.88 14.93
C ALA A 294 -3.12 16.59 13.60
N LEU A 295 -4.24 17.33 13.50
CA LEU A 295 -4.46 18.16 12.30
C LEU A 295 -3.49 19.37 12.30
N PRO A 296 -3.37 20.08 11.16
CA PRO A 296 -2.45 21.21 11.08
C PRO A 296 -2.87 22.45 11.88
N PRO A 297 -1.93 23.39 12.09
CA PRO A 297 -2.27 24.60 12.78
C PRO A 297 -3.50 25.27 12.19
N GLY A 298 -4.34 25.78 13.07
CA GLY A 298 -5.59 26.42 12.65
C GLY A 298 -6.81 25.52 12.58
N PHE A 299 -6.61 24.19 12.55
CA PHE A 299 -7.72 23.22 12.47
C PHE A 299 -8.16 22.82 13.91
N LYS A 300 -9.32 23.30 14.32
CA LYS A 300 -9.79 23.10 15.71
C LYS A 300 -11.31 23.03 15.73
N ASN A 301 -11.85 22.28 16.68
N ASN A 301 -11.87 22.32 16.72
CA ASN A 301 -13.30 22.24 16.86
CA ASN A 301 -13.35 22.10 16.87
C ASN A 301 -14.00 21.78 15.57
C ASN A 301 -14.08 21.59 15.66
N VAL A 302 -13.36 20.87 14.82
CA VAL A 302 -13.93 20.34 13.61
C VAL A 302 -15.04 19.34 13.97
N PRO A 303 -16.17 19.43 13.28
CA PRO A 303 -17.26 18.47 13.52
C PRO A 303 -16.88 17.06 13.06
N PRO A 304 -17.53 16.00 13.63
CA PRO A 304 -17.25 14.64 13.16
C PRO A 304 -17.57 14.45 11.68
N VAL A 305 -16.52 14.18 10.89
CA VAL A 305 -16.71 13.93 9.46
C VAL A 305 -16.12 12.54 9.18
N LEU A 306 -16.86 11.73 8.46
CA LEU A 306 -16.35 10.47 7.90
C LEU A 306 -15.94 10.68 6.43
N CYS A 307 -14.66 10.41 6.13
CA CYS A 307 -14.07 10.51 4.76
C CYS A 307 -13.89 9.10 4.19
N LEU A 308 -14.50 8.82 3.05
CA LEU A 308 -14.57 7.45 2.55
C LEU A 308 -13.28 7.00 1.80
N GLY A 309 -12.46 7.96 1.39
CA GLY A 309 -11.23 7.62 0.67
C GLY A 309 -11.50 7.22 -0.78
N ALA A 310 -10.66 6.32 -1.22
CA ALA A 310 -10.49 5.98 -2.62
C ALA A 310 -11.05 4.57 -2.83
N ASP A 311 -11.50 4.26 -4.05
CA ASP A 311 -11.90 2.85 -4.34
C ASP A 311 -10.81 1.78 -4.29
N LEU A 312 -9.56 2.19 -4.52
CA LEU A 312 -8.41 1.30 -4.41
C LEU A 312 -7.56 1.64 -3.21
N LYS A 313 -6.81 0.65 -2.71
CA LYS A 313 -5.93 0.82 -1.57
C LYS A 313 -6.64 1.58 -0.44
N ASN A 314 -7.92 1.25 -0.25
CA ASN A 314 -8.78 2.12 0.53
C ASN A 314 -8.39 2.26 1.99
N THR A 315 -8.60 3.47 2.53
CA THR A 315 -8.66 3.71 3.96
C THR A 315 -9.80 4.69 4.14
N PHE A 316 -10.48 4.60 5.28
CA PHE A 316 -11.34 5.74 5.65
C PHE A 316 -10.65 6.55 6.76
N CYS A 317 -11.16 7.75 6.97
CA CYS A 317 -10.61 8.70 7.91
C CYS A 317 -11.74 9.24 8.79
N LEU A 318 -11.50 9.39 10.08
CA LEU A 318 -12.48 10.03 10.99
C LEU A 318 -11.86 11.31 11.48
N VAL A 319 -12.50 12.45 11.17
CA VAL A 319 -11.94 13.75 11.50
C VAL A 319 -12.86 14.39 12.57
N ARG A 320 -12.28 14.88 13.67
CA ARG A 320 -13.05 15.54 14.76
C ARG A 320 -12.11 16.30 15.69
N GLY A 321 -12.52 17.51 16.05
CA GLY A 321 -11.78 18.34 17.02
C GLY A 321 -10.50 18.83 16.37
N GLU A 322 -9.37 18.35 16.86
CA GLU A 322 -8.08 18.75 16.30
C GLU A 322 -7.25 17.51 15.84
N GLN A 323 -7.94 16.42 15.53
CA GLN A 323 -7.29 15.15 15.23
C GLN A 323 -7.99 14.35 14.13
N VAL A 324 -7.26 13.38 13.59
CA VAL A 324 -7.78 12.54 12.53
C VAL A 324 -7.30 11.12 12.80
N VAL A 325 -8.11 10.13 12.49
CA VAL A 325 -7.66 8.76 12.63
C VAL A 325 -7.99 7.99 11.35
N LEU A 326 -6.94 7.46 10.70
CA LEU A 326 -7.12 6.65 9.53
C LEU A 326 -7.40 5.23 9.88
N SER A 327 -8.15 4.55 9.02
CA SER A 327 -8.31 3.11 9.14
C SER A 327 -7.08 2.38 8.63
N GLN A 328 -7.05 1.07 8.90
CA GLN A 328 -6.10 0.19 8.23
C GLN A 328 -6.35 0.10 6.72
N HIS A 329 -5.33 -0.37 5.99
CA HIS A 329 -5.46 -0.65 4.59
C HIS A 329 -6.62 -1.65 4.46
N LEU A 330 -7.60 -1.32 3.60
CA LEU A 330 -8.75 -2.19 3.30
C LEU A 330 -8.75 -2.72 1.84
N GLY A 331 -7.92 -2.15 1.00
CA GLY A 331 -7.77 -2.64 -0.35
C GLY A 331 -8.81 -2.17 -1.33
N ASP A 332 -9.11 -3.03 -2.30
CA ASP A 332 -9.92 -2.72 -3.45
C ASP A 332 -11.34 -2.90 -2.99
N LEU A 333 -12.14 -1.85 -3.10
CA LEU A 333 -13.51 -1.86 -2.58
C LEU A 333 -14.51 -2.64 -3.44
N SER A 334 -14.06 -3.08 -4.62
CA SER A 334 -14.92 -3.99 -5.41
C SER A 334 -14.64 -5.48 -5.17
N ASP A 335 -13.68 -5.80 -4.29
CA ASP A 335 -13.42 -7.20 -3.93
C ASP A 335 -14.63 -7.78 -3.21
N ASP A 336 -14.78 -9.09 -3.35
CA ASP A 336 -15.92 -9.86 -2.85
C ASP A 336 -15.74 -10.08 -1.36
N GLY A 337 -16.55 -9.37 -0.54
CA GLY A 337 -16.50 -9.50 0.93
C GLY A 337 -15.81 -8.38 1.67
N ILE A 338 -15.31 -7.40 0.93
CA ILE A 338 -14.55 -6.32 1.55
C ILE A 338 -15.46 -5.39 2.34
N GLN A 339 -16.68 -5.12 1.83
CA GLN A 339 -17.59 -4.24 2.60
C GLN A 339 -17.75 -4.71 4.05
N THR A 340 -17.84 -6.02 4.25
CA THR A 340 -17.95 -6.57 5.60
C THR A 340 -16.78 -6.11 6.48
N GLN A 341 -15.56 -6.19 5.94
CA GLN A 341 -14.36 -5.88 6.75
C GLN A 341 -14.25 -4.41 7.02
N TRP A 342 -14.62 -3.62 6.01
CA TRP A 342 -14.66 -2.18 6.07
C TRP A 342 -15.67 -1.77 7.18
N ARG A 343 -16.81 -2.41 7.19
CA ARG A 343 -17.85 -2.03 8.15
C ARG A 343 -17.48 -2.43 9.57
N GLU A 344 -16.85 -3.60 9.75
CA GLU A 344 -16.37 -4.00 11.10
C GLU A 344 -15.24 -3.08 11.61
N ALA A 345 -14.36 -2.64 10.70
CA ALA A 345 -13.31 -1.65 11.03
C ALA A 345 -13.92 -0.32 11.48
N LEU A 346 -14.88 0.18 10.72
CA LEU A 346 -15.56 1.41 11.04
C LEU A 346 -16.35 1.26 12.36
N ARG A 347 -16.99 0.12 12.56
CA ARG A 347 -17.73 -0.10 13.83
C ARG A 347 -16.78 0.03 15.04
N LEU A 348 -15.71 -0.77 15.09
CA LEU A 348 -14.74 -0.72 16.20
C LEU A 348 -14.06 0.67 16.31
N MET A 349 -13.72 1.27 15.17
CA MET A 349 -13.07 2.59 15.20
C MET A 349 -14.01 3.67 15.80
N GLN A 350 -15.28 3.65 15.38
CA GLN A 350 -16.24 4.55 16.01
C GLN A 350 -16.41 4.25 17.50
N ASN A 351 -16.41 2.98 17.86
CA ASN A 351 -16.58 2.59 19.26
C ASN A 351 -15.42 3.16 20.07
N ILE A 352 -14.19 2.91 19.60
CA ILE A 352 -12.96 3.30 20.30
C ILE A 352 -12.87 4.81 20.55
N TYR A 353 -13.27 5.60 19.57
CA TYR A 353 -13.18 7.06 19.65
C TYR A 353 -14.52 7.71 19.98
N ASN A 354 -15.50 6.91 20.41
CA ASN A 354 -16.85 7.46 20.73
C ASN A 354 -17.29 8.44 19.68
N PHE A 355 -17.23 8.00 18.43
CA PHE A 355 -17.33 8.88 17.28
C PHE A 355 -18.63 8.63 16.56
N THR A 356 -19.38 9.71 16.34
CA THR A 356 -20.60 9.65 15.56
C THR A 356 -20.57 10.68 14.43
N PRO A 357 -20.52 10.23 13.15
CA PRO A 357 -20.29 11.23 12.11
C PRO A 357 -21.53 12.06 11.95
N GLN A 358 -21.35 13.30 11.52
CA GLN A 358 -22.42 14.22 11.25
C GLN A 358 -22.40 14.56 9.79
N TYR A 359 -21.26 14.28 9.14
CA TYR A 359 -21.04 14.55 7.71
C TYR A 359 -20.23 13.41 7.09
N VAL A 360 -20.42 13.21 5.79
CA VAL A 360 -19.58 12.30 4.96
C VAL A 360 -18.99 13.00 3.73
N VAL A 361 -17.72 12.74 3.48
CA VAL A 361 -17.01 13.29 2.33
C VAL A 361 -16.54 12.09 1.51
N HIS A 362 -16.65 12.19 0.19
CA HIS A 362 -16.21 11.11 -0.70
C HIS A 362 -15.71 11.70 -2.01
N ASP A 363 -15.24 10.82 -2.88
CA ASP A 363 -14.61 11.24 -4.13
C ASP A 363 -15.63 11.79 -5.10
N ALA A 364 -15.21 12.72 -5.96
CA ALA A 364 -16.15 13.31 -6.95
C ALA A 364 -16.59 12.35 -8.08
N HIS A 365 -15.90 11.23 -8.24
CA HIS A 365 -16.23 10.27 -9.34
C HIS A 365 -17.57 9.59 -9.01
N PRO A 366 -18.63 9.75 -9.85
CA PRO A 366 -19.89 9.13 -9.43
C PRO A 366 -19.91 7.59 -9.63
N GLY A 367 -18.96 7.05 -10.37
CA GLY A 367 -18.89 5.59 -10.55
C GLY A 367 -18.31 4.77 -9.39
N TYR A 368 -17.78 5.43 -8.36
CA TYR A 368 -17.08 4.74 -7.29
C TYR A 368 -18.02 3.92 -6.41
N VAL A 369 -17.50 2.77 -5.94
CA VAL A 369 -18.17 1.97 -4.92
C VAL A 369 -18.36 2.80 -3.65
N SER A 370 -17.26 3.40 -3.18
CA SER A 370 -17.30 4.23 -1.98
C SER A 370 -18.43 5.28 -2.07
N CYS A 371 -18.60 5.84 -3.24
CA CYS A 371 -19.65 6.82 -3.49
C CYS A 371 -21.04 6.23 -3.31
N GLN A 372 -21.24 4.99 -3.79
CA GLN A 372 -22.47 4.26 -3.47
C GLN A 372 -22.67 4.14 -1.96
N TRP A 373 -21.66 3.68 -1.23
CA TRP A 373 -21.82 3.49 0.21
C TRP A 373 -22.22 4.81 0.90
N ALA A 374 -21.67 5.92 0.44
CA ALA A 374 -22.05 7.25 1.00
C ALA A 374 -23.55 7.55 0.89
N SER A 375 -24.15 7.24 -0.25
CA SER A 375 -25.57 7.56 -0.45
C SER A 375 -26.46 6.78 0.51
N GLU A 376 -25.96 5.67 1.05
CA GLU A 376 -26.74 4.79 1.93
C GLU A 376 -26.70 5.27 3.38
N MET A 377 -25.93 6.33 3.66
CA MET A 377 -25.66 6.69 5.05
C MET A 377 -26.68 7.51 5.80
N ASN A 378 -27.42 8.38 5.11
CA ASN A 378 -28.36 9.35 5.79
C ASN A 378 -27.66 10.53 6.48
N LEU A 379 -26.56 10.98 5.90
CA LEU A 379 -25.84 12.15 6.40
C LEU A 379 -25.69 13.08 5.24
N PRO A 380 -25.53 14.39 5.50
CA PRO A 380 -25.21 15.24 4.34
C PRO A 380 -23.82 14.83 3.80
N THR A 381 -23.67 14.90 2.47
CA THR A 381 -22.50 14.40 1.75
C THR A 381 -21.86 15.55 1.02
N GLN A 382 -20.55 15.45 0.82
CA GLN A 382 -19.88 16.42 -0.02
C GLN A 382 -18.74 15.72 -0.75
N THR A 383 -18.31 16.36 -1.81
CA THR A 383 -17.46 15.77 -2.80
C THR A 383 -16.12 16.57 -2.84
N VAL A 384 -15.00 15.84 -3.01
CA VAL A 384 -13.67 16.41 -3.12
C VAL A 384 -13.02 15.79 -4.38
N LEU A 385 -12.39 16.62 -5.20
CA LEU A 385 -11.65 16.10 -6.36
C LEU A 385 -10.49 15.23 -5.92
N HIS A 386 -10.39 14.05 -6.53
CA HIS A 386 -9.30 13.11 -6.26
C HIS A 386 -7.93 13.79 -6.09
N HIS A 387 -7.53 14.60 -7.05
CA HIS A 387 -6.17 15.08 -7.06
C HIS A 387 -6.01 16.18 -6.09
N HIS A 388 -7.12 16.87 -5.82
CA HIS A 388 -7.15 17.90 -4.76
C HIS A 388 -6.84 17.23 -3.42
N ALA A 389 -7.47 16.06 -3.14
CA ALA A 389 -7.24 15.32 -1.92
C ALA A 389 -5.82 14.81 -1.81
N HIS A 390 -5.26 14.29 -2.92
CA HIS A 390 -3.84 13.90 -2.89
C HIS A 390 -2.97 15.07 -2.41
N ALA A 391 -3.17 16.24 -3.02
CA ALA A 391 -2.29 17.41 -2.71
C ALA A 391 -2.50 17.85 -1.23
N ALA A 392 -3.77 17.89 -0.81
CA ALA A 392 -4.08 18.34 0.55
C ALA A 392 -3.55 17.35 1.59
N ALA A 393 -3.52 16.06 1.26
CA ALA A 393 -3.00 15.08 2.23
C ALA A 393 -1.51 15.30 2.48
N CYS A 394 -0.75 15.64 1.43
CA CYS A 394 0.66 16.02 1.54
C CYS A 394 0.87 17.30 2.36
N LEU A 395 0.08 18.33 2.10
CA LEU A 395 0.17 19.60 2.85
C LEU A 395 -0.08 19.33 4.34
N ALA A 396 -1.11 18.52 4.60
CA ALA A 396 -1.50 18.20 5.98
C ALA A 396 -0.40 17.41 6.71
N GLU A 397 0.19 16.42 6.04
CA GLU A 397 1.30 15.66 6.63
C GLU A 397 2.44 16.62 7.00
N HIS A 398 2.65 17.65 6.20
CA HIS A 398 3.69 18.62 6.50
C HIS A 398 3.22 19.76 7.41
N GLN A 399 2.04 19.62 7.98
CA GLN A 399 1.52 20.61 8.94
C GLN A 399 1.42 22.01 8.32
N TRP A 400 1.07 22.08 7.04
CA TRP A 400 0.84 23.38 6.43
C TRP A 400 -0.37 24.07 7.13
N PRO A 401 -0.17 25.28 7.68
CA PRO A 401 -1.29 25.87 8.43
C PRO A 401 -2.54 26.14 7.58
N LEU A 402 -3.70 26.12 8.24
CA LEU A 402 -4.97 26.40 7.60
C LEU A 402 -4.88 27.63 6.72
N ASP A 403 -4.15 28.62 7.20
CA ASP A 403 -4.02 29.91 6.52
C ASP A 403 -2.65 30.07 5.81
N GLY A 404 -2.06 28.94 5.41
CA GLY A 404 -0.70 28.94 4.89
C GLY A 404 -0.46 29.61 3.55
N GLY A 405 -1.44 29.80 2.69
CA GLY A 405 -1.06 30.33 1.37
C GLY A 405 -1.06 29.24 0.30
N ASP A 406 -1.13 29.61 -0.97
CA ASP A 406 -1.19 28.65 -2.08
C ASP A 406 0.16 27.97 -2.31
N VAL A 407 0.08 26.74 -2.82
CA VAL A 407 1.25 26.00 -3.34
C VAL A 407 0.94 25.67 -4.81
N ILE A 408 1.97 25.35 -5.58
CA ILE A 408 1.80 24.59 -6.84
C ILE A 408 2.01 23.09 -6.52
N ALA A 409 1.05 22.26 -6.93
CA ALA A 409 1.10 20.84 -6.67
C ALA A 409 1.30 20.09 -7.98
N LEU A 410 2.01 18.99 -7.92
CA LEU A 410 2.12 18.08 -9.05
C LEU A 410 1.52 16.78 -8.56
N THR A 411 0.48 16.29 -9.24
CA THR A 411 -0.27 15.14 -8.74
C THR A 411 -0.24 14.14 -9.90
N LEU A 412 0.48 13.04 -9.66
CA LEU A 412 0.88 12.09 -10.69
C LEU A 412 0.32 10.73 -10.27
N ASP A 413 -0.59 10.15 -11.06
CA ASP A 413 -1.08 8.81 -10.76
C ASP A 413 -1.63 8.15 -12.02
N GLY A 414 -2.51 7.16 -11.84
CA GLY A 414 -3.11 6.42 -12.99
C GLY A 414 -4.23 7.24 -13.60
N ILE A 415 -5.40 7.18 -12.99
CA ILE A 415 -6.58 7.91 -13.43
C ILE A 415 -7.35 8.30 -12.13
N GLY A 416 -7.80 9.54 -12.07
CA GLY A 416 -8.75 9.99 -11.04
C GLY A 416 -9.64 10.99 -11.76
N MET A 417 -10.91 11.10 -11.36
CA MET A 417 -11.79 12.05 -12.05
C MET A 417 -11.44 13.49 -11.68
N GLY A 418 -11.28 14.36 -12.68
CA GLY A 418 -11.01 15.78 -12.50
C GLY A 418 -12.24 16.65 -12.66
N GLU A 419 -12.00 17.95 -12.88
CA GLU A 419 -13.08 18.90 -13.12
C GLU A 419 -13.87 18.59 -14.39
N ASN A 420 -15.19 18.67 -14.24
CA ASN A 420 -16.13 18.53 -15.35
C ASN A 420 -16.03 17.16 -15.98
N GLY A 421 -15.73 16.14 -15.17
CA GLY A 421 -15.68 14.77 -15.68
C GLY A 421 -14.42 14.37 -16.43
N ALA A 422 -13.40 15.21 -16.42
CA ALA A 422 -12.16 14.89 -17.15
C ALA A 422 -11.43 13.78 -16.41
N LEU A 423 -10.60 13.01 -17.11
CA LEU A 423 -9.80 12.01 -16.45
C LEU A 423 -8.38 12.55 -16.31
N TRP A 424 -8.01 12.83 -15.06
CA TRP A 424 -6.67 13.31 -14.73
C TRP A 424 -5.68 12.24 -14.26
N GLY A 425 -4.38 12.54 -14.34
CA GLY A 425 -3.34 11.74 -13.68
C GLY A 425 -1.93 12.28 -13.89
N GLY A 426 -1.82 13.55 -14.32
CA GLY A 426 -0.51 14.13 -14.64
C GLY A 426 -0.67 15.63 -14.71
N GLU A 427 -1.03 16.22 -13.57
CA GLU A 427 -1.52 17.59 -13.49
C GLU A 427 -0.64 18.52 -12.63
N CYS A 428 -0.48 19.74 -13.12
CA CYS A 428 -0.04 20.89 -12.30
C CYS A 428 -1.27 21.68 -11.80
N LEU A 429 -1.34 21.89 -10.51
CA LEU A 429 -2.48 22.54 -9.87
C LEU A 429 -2.03 23.71 -8.99
N ARG A 430 -2.82 24.78 -8.93
CA ARG A 430 -2.73 25.73 -7.79
C ARG A 430 -3.68 25.25 -6.68
N VAL A 431 -3.15 25.06 -5.48
CA VAL A 431 -3.84 24.39 -4.41
C VAL A 431 -3.77 25.13 -3.07
N ASN A 432 -4.91 25.17 -2.38
CA ASN A 432 -4.85 25.34 -0.94
C ASN A 432 -5.91 24.42 -0.35
N TYR A 433 -6.19 24.53 0.95
CA TYR A 433 -7.13 23.58 1.52
C TYR A 433 -8.58 23.71 1.04
N ARG A 434 -8.94 24.82 0.41
CA ARG A 434 -10.30 24.94 -0.14
C ARG A 434 -10.38 24.91 -1.66
N GLU A 435 -9.34 25.35 -2.35
CA GLU A 435 -9.38 25.54 -3.80
C GLU A 435 -8.39 24.64 -4.50
N CYS A 436 -8.73 24.28 -5.74
CA CYS A 436 -7.90 23.52 -6.64
C CYS A 436 -8.13 24.15 -8.01
N GLU A 437 -7.14 24.83 -8.57
CA GLU A 437 -7.27 25.37 -9.93
C GLU A 437 -6.37 24.57 -10.84
N HIS A 438 -6.91 23.98 -11.92
CA HIS A 438 -6.08 23.24 -12.87
C HIS A 438 -5.23 24.17 -13.76
N LEU A 439 -3.90 23.97 -13.78
CA LEU A 439 -3.04 24.85 -14.56
C LEU A 439 -2.46 24.24 -15.84
N GLY A 440 -2.24 22.93 -15.84
CA GLY A 440 -1.75 22.31 -17.06
C GLY A 440 -1.19 20.95 -16.71
N GLY A 441 -0.28 20.45 -17.54
CA GLY A 441 0.28 19.09 -17.34
C GLY A 441 0.40 18.31 -18.62
N LEU A 442 0.24 17.01 -18.51
CA LEU A 442 0.33 16.10 -19.66
C LEU A 442 -0.84 16.32 -20.61
N PRO A 443 -0.65 16.16 -21.96
CA PRO A 443 -1.85 16.15 -22.81
C PRO A 443 -2.76 14.92 -22.56
N ALA A 444 -4.05 15.12 -22.77
CA ALA A 444 -5.00 14.02 -22.60
C ALA A 444 -4.95 13.13 -23.85
N VAL A 445 -4.79 11.83 -23.65
CA VAL A 445 -4.58 10.87 -24.76
C VAL A 445 -5.52 9.68 -24.52
N ALA A 446 -6.07 9.10 -25.60
CA ALA A 446 -7.10 8.06 -25.43
C ALA A 446 -6.63 6.87 -24.60
N LEU A 447 -7.52 6.32 -23.78
CA LEU A 447 -7.36 4.97 -23.19
C LEU A 447 -8.07 3.90 -24.08
N PRO A 448 -7.36 3.30 -25.05
CA PRO A 448 -7.99 2.39 -26.01
C PRO A 448 -8.46 1.08 -25.36
N GLY A 449 -9.75 0.76 -25.48
CA GLY A 449 -10.31 -0.42 -24.80
C GLY A 449 -10.64 -0.18 -23.33
N GLY A 450 -10.71 1.10 -22.97
CA GLY A 450 -11.08 1.50 -21.62
C GLY A 450 -10.25 0.86 -20.52
N ASP A 451 -10.88 -0.02 -19.73
CA ASP A 451 -10.17 -0.68 -18.63
C ASP A 451 -9.01 -1.53 -19.13
N LEU A 452 -9.06 -1.95 -20.38
CA LEU A 452 -7.96 -2.73 -20.90
C LEU A 452 -6.64 -1.93 -21.00
N ALA A 453 -6.74 -0.60 -21.03
CA ALA A 453 -5.51 0.18 -21.28
C ALA A 453 -4.57 0.06 -20.07
N ALA A 454 -5.13 -0.16 -18.89
CA ALA A 454 -4.28 -0.33 -17.70
C ALA A 454 -3.71 -1.74 -17.57
N LYS A 455 -4.18 -2.67 -18.41
CA LYS A 455 -3.77 -4.04 -18.32
C LYS A 455 -2.82 -4.38 -19.47
N GLN A 456 -2.86 -3.60 -20.54
CA GLN A 456 -2.04 -3.89 -21.74
C GLN A 456 -1.29 -2.63 -22.17
N PRO A 457 -0.06 -2.44 -21.62
CA PRO A 457 0.77 -1.24 -21.91
C PRO A 457 0.83 -0.84 -23.40
N TRP A 458 0.87 -1.81 -24.30
CA TRP A 458 0.97 -1.51 -25.73
C TRP A 458 -0.17 -0.61 -26.22
N ARG A 459 -1.32 -0.65 -25.56
CA ARG A 459 -2.48 0.15 -26.00
C ARG A 459 -2.15 1.59 -25.82
N ASN A 460 -1.35 1.89 -24.80
CA ASN A 460 -0.98 3.27 -24.56
C ASN A 460 0.11 3.74 -25.51
N LEU A 461 1.04 2.85 -25.84
CA LEU A 461 2.02 3.20 -26.89
C LEU A 461 1.30 3.52 -28.22
N LEU A 462 0.31 2.70 -28.58
CA LEU A 462 -0.47 2.93 -29.79
C LEU A 462 -1.14 4.29 -29.75
N ALA A 463 -1.80 4.60 -28.64
CA ALA A 463 -2.51 5.88 -28.48
C ALA A 463 -1.53 7.05 -28.62
N GLN A 464 -0.34 6.93 -28.02
CA GLN A 464 0.69 7.99 -28.07
C GLN A 464 1.19 8.13 -29.52
N CYS A 465 1.41 6.97 -30.15
CA CYS A 465 1.97 6.97 -31.50
C CYS A 465 0.98 7.59 -32.49
N LEU A 466 -0.31 7.22 -32.41
CA LEU A 466 -1.30 7.78 -33.36
C LEU A 466 -1.40 9.31 -33.18
N ARG A 467 -1.24 9.79 -31.94
CA ARG A 467 -1.29 11.24 -31.72
C ARG A 467 -0.02 11.99 -32.13
N PHE A 468 1.15 11.43 -31.84
CA PHE A 468 2.38 12.24 -31.76
C PHE A 468 3.51 11.77 -32.65
N VAL A 469 3.42 10.56 -33.20
CA VAL A 469 4.60 9.94 -33.87
C VAL A 469 4.39 9.62 -35.38
N PRO A 470 4.82 10.54 -36.29
CA PRO A 470 4.79 10.25 -37.74
C PRO A 470 5.56 8.99 -38.05
N GLU A 471 4.99 8.14 -38.93
CA GLU A 471 5.65 6.94 -39.43
C GLU A 471 6.06 6.01 -38.29
N TRP A 472 5.24 5.96 -37.24
CA TRP A 472 5.54 5.19 -36.05
C TRP A 472 5.74 3.70 -36.33
N GLN A 473 5.08 3.19 -37.38
CA GLN A 473 5.23 1.75 -37.73
C GLN A 473 6.62 1.34 -38.14
N ASN A 474 7.46 2.32 -38.42
CA ASN A 474 8.82 2.05 -38.86
C ASN A 474 9.83 1.86 -37.73
N TYR A 475 9.45 2.10 -36.48
CA TYR A 475 10.40 1.98 -35.38
C TYR A 475 10.38 0.56 -34.83
N PRO A 476 11.55 0.01 -34.52
CA PRO A 476 11.57 -1.33 -33.93
C PRO A 476 10.70 -1.41 -32.66
N GLU A 477 10.66 -0.32 -31.91
CA GLU A 477 9.97 -0.48 -30.62
C GLU A 477 8.42 -0.52 -30.69
N THR A 478 7.86 -0.31 -31.86
CA THR A 478 6.41 -0.47 -32.03
C THR A 478 6.07 -1.77 -32.78
N ALA A 479 7.05 -2.65 -32.99
CA ALA A 479 6.87 -3.80 -33.94
C ALA A 479 5.68 -4.73 -33.68
N SER A 480 5.47 -5.08 -32.41
CA SER A 480 4.38 -6.01 -32.11
C SER A 480 3.04 -5.34 -32.35
N VAL A 481 2.94 -4.05 -32.10
CA VAL A 481 1.71 -3.32 -32.40
C VAL A 481 1.50 -3.17 -33.91
N ALA A 482 2.56 -2.75 -34.60
CA ALA A 482 2.48 -2.51 -36.03
C ALA A 482 2.12 -3.80 -36.78
N ALA A 483 2.50 -4.95 -36.24
CA ALA A 483 2.27 -6.18 -36.99
C ALA A 483 0.85 -6.71 -36.79
N ALA A 484 0.08 -6.09 -35.90
CA ALA A 484 -1.30 -6.51 -35.64
C ALA A 484 -2.25 -5.77 -36.56
N ASN A 485 -3.53 -6.13 -36.50
CA ASN A 485 -4.52 -5.35 -37.23
C ASN A 485 -4.96 -4.19 -36.33
N TRP A 486 -4.02 -3.27 -36.09
CA TRP A 486 -4.25 -2.18 -35.13
C TRP A 486 -5.27 -1.17 -35.66
N SER A 487 -5.58 -1.21 -36.96
CA SER A 487 -6.47 -0.12 -37.46
C SER A 487 -7.90 -0.21 -36.94
N VAL A 488 -8.32 -1.41 -36.54
CA VAL A 488 -9.69 -1.59 -36.01
C VAL A 488 -9.72 -0.73 -34.71
N LEU A 489 -8.76 -0.96 -33.86
CA LEU A 489 -8.68 -0.19 -32.62
C LEU A 489 -8.45 1.32 -32.89
N ALA A 490 -7.59 1.66 -33.85
CA ALA A 490 -7.37 3.05 -34.21
C ALA A 490 -8.67 3.69 -34.66
N ARG A 491 -9.50 2.94 -35.39
CA ARG A 491 -10.79 3.45 -35.81
C ARG A 491 -11.73 3.71 -34.64
N ALA A 492 -11.72 2.80 -33.66
CA ALA A 492 -12.56 3.02 -32.47
C ALA A 492 -12.07 4.23 -31.62
N ILE A 493 -10.76 4.37 -31.47
CA ILE A 493 -10.16 5.57 -30.80
C ILE A 493 -10.64 6.86 -31.46
N GLU A 494 -10.48 6.93 -32.78
CA GLU A 494 -10.91 8.08 -33.60
C GLU A 494 -12.38 8.44 -33.45
N ARG A 495 -13.21 7.41 -33.27
CA ARG A 495 -14.64 7.59 -33.11
C ARG A 495 -15.01 7.72 -31.65
N GLY A 496 -14.04 7.64 -30.76
CA GLY A 496 -14.35 7.81 -29.34
C GLY A 496 -15.15 6.66 -28.75
N ILE A 497 -14.91 5.45 -29.26
CA ILE A 497 -15.67 4.29 -28.78
C ILE A 497 -14.89 3.54 -27.69
N ASN A 498 -15.34 3.64 -26.44
CA ASN A 498 -14.61 3.12 -25.28
C ASN A 498 -13.15 3.55 -25.34
N ALA A 499 -12.92 4.85 -25.62
CA ALA A 499 -11.56 5.38 -25.73
C ALA A 499 -11.46 6.79 -25.15
N PRO A 500 -11.80 6.94 -23.87
CA PRO A 500 -11.86 8.27 -23.24
C PRO A 500 -10.45 8.87 -23.10
N LEU A 501 -10.34 10.20 -23.15
CA LEU A 501 -9.02 10.82 -23.02
C LEU A 501 -8.64 10.96 -21.56
N ALA A 502 -7.36 10.74 -21.26
CA ALA A 502 -6.86 10.83 -19.89
C ALA A 502 -5.46 11.38 -19.95
N SER A 503 -5.21 12.42 -19.15
CA SER A 503 -3.86 13.00 -19.04
C SER A 503 -3.07 12.21 -17.98
N SER A 504 -2.86 10.91 -18.22
CA SER A 504 -2.34 9.97 -17.21
C SER A 504 -0.82 9.76 -17.24
N CYS A 505 -0.18 10.08 -16.12
CA CYS A 505 1.25 9.81 -15.96
C CYS A 505 1.55 8.31 -15.95
N GLY A 506 0.71 7.56 -15.23
CA GLY A 506 0.76 6.10 -15.19
C GLY A 506 0.73 5.46 -16.57
N ARG A 507 -0.16 5.96 -17.44
CA ARG A 507 -0.33 5.34 -18.77
C ARG A 507 0.87 5.73 -19.64
N LEU A 508 1.45 6.89 -19.37
CA LEU A 508 2.65 7.29 -20.13
C LEU A 508 3.81 6.37 -19.76
N PHE A 509 3.99 6.11 -18.46
CA PHE A 509 5.01 5.13 -18.09
C PHE A 509 4.75 3.79 -18.81
N ASP A 510 3.48 3.37 -18.85
CA ASP A 510 3.15 2.08 -19.53
C ASP A 510 3.54 2.09 -21.02
N ALA A 511 3.28 3.20 -21.72
CA ALA A 511 3.68 3.34 -23.13
C ALA A 511 5.18 3.20 -23.33
N VAL A 512 5.98 3.83 -22.47
CA VAL A 512 7.44 3.69 -22.55
C VAL A 512 7.90 2.26 -22.20
N ALA A 513 7.31 1.64 -21.19
CA ALA A 513 7.69 0.24 -20.88
C ALA A 513 7.31 -0.70 -22.03
N ALA A 514 6.15 -0.47 -22.66
CA ALA A 514 5.74 -1.26 -23.88
C ALA A 514 6.81 -1.07 -24.98
N ALA A 515 7.33 0.14 -25.16
CA ALA A 515 8.33 0.45 -26.20
C ALA A 515 9.64 -0.21 -25.90
N LEU A 516 9.98 -0.33 -24.62
CA LEU A 516 11.24 -1.02 -24.25
C LEU A 516 11.15 -2.53 -24.09
N GLY A 517 9.94 -3.08 -24.13
CA GLY A 517 9.68 -4.51 -23.87
C GLY A 517 10.03 -4.94 -22.46
N CYS A 518 9.91 -4.06 -21.46
CA CYS A 518 10.36 -4.46 -20.12
C CYS A 518 9.29 -5.05 -19.21
N ALA A 519 8.08 -5.27 -19.74
CA ALA A 519 7.04 -5.90 -18.95
C ALA A 519 6.29 -6.92 -19.82
N PRO A 520 5.51 -7.83 -19.22
CA PRO A 520 4.75 -8.76 -20.08
C PRO A 520 3.72 -8.01 -20.90
N ALA A 521 3.32 -8.59 -22.02
CA ALA A 521 2.36 -7.92 -22.90
C ALA A 521 1.05 -7.60 -22.16
N THR A 522 0.60 -8.52 -21.32
CA THR A 522 -0.54 -8.31 -20.44
C THR A 522 -0.10 -8.44 -18.99
N LEU A 523 -0.47 -7.45 -18.19
CA LEU A 523 0.01 -7.35 -16.82
C LEU A 523 -0.86 -8.21 -15.92
N SER A 524 -0.30 -8.62 -14.79
CA SER A 524 -1.04 -9.39 -13.81
C SER A 524 -1.38 -8.52 -12.63
N TYR A 525 -0.64 -7.40 -12.45
CA TYR A 525 -1.04 -6.42 -11.42
C TYR A 525 -0.91 -4.96 -11.83
N GLU A 526 -1.74 -4.13 -11.22
CA GLU A 526 -1.81 -2.71 -11.55
C GLU A 526 -0.49 -2.00 -11.27
N GLY A 527 0.07 -1.32 -12.28
CA GLY A 527 1.34 -0.62 -12.06
C GLY A 527 2.57 -1.48 -12.29
N GLU A 528 2.38 -2.76 -12.64
CA GLU A 528 3.46 -3.66 -12.96
C GLU A 528 4.48 -3.10 -13.97
N ALA A 529 4.01 -2.54 -15.09
CA ALA A 529 4.93 -2.02 -16.13
C ALA A 529 5.70 -0.79 -15.62
N ALA A 530 5.04 0.07 -14.83
CA ALA A 530 5.71 1.26 -14.29
C ALA A 530 6.80 0.86 -13.31
N CYS A 531 6.53 -0.14 -12.46
CA CYS A 531 7.54 -0.62 -11.51
C CYS A 531 8.68 -1.22 -12.27
N ALA A 532 8.36 -1.97 -13.33
CA ALA A 532 9.41 -2.61 -14.12
C ALA A 532 10.34 -1.55 -14.73
N LEU A 533 9.72 -0.51 -15.27
CA LEU A 533 10.46 0.59 -15.92
C LEU A 533 11.33 1.38 -14.90
N GLU A 534 10.80 1.67 -13.73
CA GLU A 534 11.60 2.28 -12.64
C GLU A 534 12.74 1.38 -12.21
N ALA A 535 12.48 0.09 -12.04
CA ALA A 535 13.56 -0.85 -11.69
C ALA A 535 14.70 -0.84 -12.75
N LEU A 536 14.32 -0.85 -14.03
CA LEU A 536 15.33 -0.77 -15.09
C LEU A 536 16.15 0.53 -15.03
N ALA A 537 15.44 1.65 -14.92
CA ALA A 537 16.08 2.97 -14.81
C ALA A 537 17.01 3.06 -13.60
N ALA A 538 16.54 2.58 -12.45
CA ALA A 538 17.32 2.65 -11.20
C ALA A 538 18.69 1.96 -11.29
N SER A 539 18.84 1.06 -12.25
CA SER A 539 20.11 0.36 -12.44
C SER A 539 21.08 1.26 -13.23
N CYS A 540 20.60 2.41 -13.71
CA CYS A 540 21.50 3.37 -14.35
C CYS A 540 21.91 4.45 -13.36
N ASP A 541 23.22 4.70 -13.26
CA ASP A 541 23.72 5.75 -12.35
C ASP A 541 23.46 7.18 -12.84
N GLY A 542 22.99 7.34 -14.07
CA GLY A 542 22.85 8.67 -14.64
C GLY A 542 23.65 8.73 -15.91
N VAL A 543 23.09 9.38 -16.93
CA VAL A 543 23.68 9.40 -18.24
C VAL A 543 23.42 10.78 -18.88
N THR A 544 24.37 11.23 -19.71
CA THR A 544 24.17 12.37 -20.61
C THR A 544 23.37 11.94 -21.84
N HIS A 545 22.23 12.61 -22.03
CA HIS A 545 21.35 12.20 -23.09
C HIS A 545 20.61 13.42 -23.60
N PRO A 546 20.10 13.33 -24.82
CA PRO A 546 19.45 14.46 -25.44
C PRO A 546 17.93 14.48 -25.38
N VAL A 547 17.31 13.58 -24.60
CA VAL A 547 15.85 13.50 -24.54
C VAL A 547 15.32 14.60 -23.62
N THR A 548 14.26 15.27 -24.08
CA THR A 548 13.65 16.37 -23.36
C THR A 548 12.12 16.24 -23.53
N MET A 549 11.38 16.92 -22.65
CA MET A 549 9.94 17.11 -22.77
C MET A 549 9.65 18.59 -22.61
N PRO A 550 9.73 19.36 -23.71
CA PRO A 550 9.55 20.82 -23.66
C PRO A 550 8.16 21.25 -23.28
N ARG A 551 8.03 22.48 -22.79
CA ARG A 551 6.74 23.03 -22.34
C ARG A 551 6.20 23.73 -23.58
N VAL A 552 4.97 23.44 -23.98
CA VAL A 552 4.29 24.26 -24.96
C VAL A 552 3.04 24.82 -24.29
N ASP A 553 3.09 26.11 -23.99
CA ASP A 553 2.08 26.77 -23.17
C ASP A 553 2.09 26.12 -21.79
N ASN A 554 0.97 25.49 -21.44
CA ASN A 554 0.82 24.88 -20.14
C ASN A 554 0.86 23.33 -20.25
N GLN A 555 1.32 22.81 -21.39
CA GLN A 555 1.38 21.37 -21.57
C GLN A 555 2.76 20.87 -22.01
N LEU A 556 3.06 19.60 -21.72
CA LEU A 556 4.32 19.01 -22.10
C LEU A 556 4.22 18.53 -23.53
N ASP A 557 5.27 18.77 -24.29
CA ASP A 557 5.27 18.52 -25.73
C ASP A 557 5.76 17.10 -26.00
N LEU A 558 4.84 16.16 -26.02
CA LEU A 558 5.17 14.74 -26.18
C LEU A 558 5.63 14.36 -27.59
N ALA A 559 5.19 15.11 -28.60
CA ALA A 559 5.74 14.86 -29.95
C ALA A 559 7.26 15.01 -29.98
N THR A 560 7.81 16.03 -29.29
CA THR A 560 9.26 16.21 -29.27
C THR A 560 9.90 15.12 -28.41
N PHE A 561 9.31 14.86 -27.23
CA PHE A 561 9.78 13.73 -26.41
C PHE A 561 9.93 12.43 -27.22
N TRP A 562 8.85 12.02 -27.90
CA TRP A 562 8.87 10.73 -28.59
C TRP A 562 9.89 10.71 -29.70
N GLN A 563 10.02 11.82 -30.42
CA GLN A 563 10.98 11.82 -31.52
C GLN A 563 12.42 11.69 -31.02
N GLN A 564 12.75 12.40 -29.95
CA GLN A 564 14.09 12.32 -29.39
C GLN A 564 14.28 10.96 -28.72
N TRP A 565 13.30 10.50 -27.96
CA TRP A 565 13.44 9.26 -27.19
C TRP A 565 13.53 8.00 -28.09
N LEU A 566 12.66 7.90 -29.10
CA LEU A 566 12.63 6.75 -30.00
C LEU A 566 13.91 6.71 -30.82
N ASN A 567 14.53 7.89 -31.03
CA ASN A 567 15.74 7.95 -31.88
C ASN A 567 17.02 8.01 -31.09
N TRP A 568 16.92 7.92 -29.75
CA TRP A 568 18.15 7.95 -28.96
C TRP A 568 18.50 6.52 -28.54
N GLN A 569 19.32 5.83 -29.34
CA GLN A 569 19.64 4.41 -29.06
C GLN A 569 20.60 4.40 -27.93
N ALA A 570 20.45 3.44 -27.01
CA ALA A 570 21.29 3.32 -25.83
C ALA A 570 20.90 2.05 -25.11
N PRO A 571 21.76 1.55 -24.22
CA PRO A 571 21.37 0.44 -23.39
C PRO A 571 19.99 0.69 -22.76
N VAL A 572 19.17 -0.35 -22.62
CA VAL A 572 17.80 -0.09 -22.17
C VAL A 572 17.68 0.61 -20.83
N ASN A 573 18.61 0.35 -19.91
CA ASN A 573 18.53 1.02 -18.62
C ASN A 573 18.74 2.55 -18.74
N GLN A 574 19.64 2.95 -19.64
CA GLN A 574 19.86 4.37 -19.95
C GLN A 574 18.65 5.00 -20.62
N ARG A 575 17.97 4.27 -21.51
CA ARG A 575 16.73 4.78 -22.14
C ARG A 575 15.63 4.99 -21.10
N ALA A 576 15.53 4.07 -20.15
CA ALA A 576 14.50 4.20 -19.09
C ALA A 576 14.88 5.43 -18.19
N TRP A 577 16.18 5.58 -17.88
CA TRP A 577 16.61 6.68 -16.98
C TRP A 577 16.32 8.02 -17.69
N ALA A 578 16.60 8.07 -18.98
CA ALA A 578 16.39 9.31 -19.79
C ALA A 578 14.93 9.69 -19.80
N PHE A 579 14.02 8.71 -19.90
CA PHE A 579 12.60 9.02 -19.75
C PHE A 579 12.29 9.68 -18.40
N HIS A 580 12.71 9.06 -17.29
CA HIS A 580 12.45 9.66 -15.96
C HIS A 580 13.00 11.07 -15.86
N ASP A 581 14.23 11.27 -16.34
CA ASP A 581 14.92 12.56 -16.23
C ASP A 581 14.21 13.63 -17.08
N ALA A 582 13.86 13.28 -18.32
CA ALA A 582 13.11 14.19 -19.22
C ALA A 582 11.74 14.57 -18.66
N LEU A 583 10.99 13.60 -18.13
CA LEU A 583 9.67 13.86 -17.51
C LEU A 583 9.81 14.82 -16.31
N ALA A 584 10.81 14.58 -15.45
CA ALA A 584 11.02 15.39 -14.27
C ALA A 584 11.38 16.82 -14.70
N GLN A 585 12.24 16.92 -15.69
CA GLN A 585 12.68 18.22 -16.15
C GLN A 585 11.55 19.04 -16.77
N GLY A 586 10.66 18.39 -17.53
CA GLY A 586 9.51 19.06 -18.16
C GLY A 586 8.50 19.51 -17.12
N PHE A 587 8.16 18.65 -16.17
CA PHE A 587 7.25 19.10 -15.12
C PHE A 587 7.91 20.18 -14.30
N ALA A 588 9.22 20.08 -14.04
CA ALA A 588 9.90 21.14 -13.27
C ALA A 588 9.76 22.51 -13.95
N ALA A 589 9.83 22.53 -15.28
CA ALA A 589 9.83 23.81 -16.00
C ALA A 589 8.44 24.44 -15.94
N LEU A 590 7.44 23.59 -16.10
CA LEU A 590 6.05 23.97 -15.90
C LEU A 590 5.76 24.54 -14.48
N MET A 591 6.15 23.82 -13.44
CA MET A 591 5.90 24.23 -12.09
C MET A 591 6.71 25.50 -11.81
N ARG A 592 7.91 25.61 -12.35
CA ARG A 592 8.69 26.88 -12.09
C ARG A 592 7.96 28.09 -12.65
N GLU A 593 7.51 27.97 -13.90
CA GLU A 593 6.83 29.08 -14.55
C GLU A 593 5.61 29.48 -13.76
N GLN A 594 4.83 28.48 -13.39
CA GLN A 594 3.56 28.71 -12.72
C GLN A 594 3.74 29.27 -11.30
N ALA A 595 4.68 28.71 -10.53
CA ALA A 595 4.90 29.20 -9.17
C ALA A 595 5.55 30.59 -9.18
N THR A 596 6.56 30.79 -10.02
CA THR A 596 7.36 32.02 -9.93
C THR A 596 6.44 33.20 -10.26
N MET A 597 5.54 33.04 -11.24
CA MET A 597 4.76 34.18 -11.75
C MET A 597 3.53 34.47 -10.90
N ARG A 598 3.36 33.64 -9.87
CA ARG A 598 2.34 33.80 -8.86
C ARG A 598 2.94 34.11 -7.48
N GLY A 599 4.27 34.21 -7.36
CA GLY A 599 4.89 34.54 -6.07
C GLY A 599 4.75 33.40 -5.06
N ILE A 600 4.70 32.18 -5.55
CA ILE A 600 4.63 31.00 -4.71
C ILE A 600 6.01 30.38 -4.55
N THR A 601 6.35 29.97 -3.33
CA THR A 601 7.69 29.46 -3.02
C THR A 601 7.71 28.00 -2.61
N THR A 602 6.53 27.36 -2.52
CA THR A 602 6.44 26.00 -2.03
C THR A 602 5.69 25.14 -3.03
N LEU A 603 6.25 23.94 -3.30
CA LEU A 603 5.69 22.98 -4.25
C LEU A 603 5.37 21.69 -3.50
N VAL A 604 4.24 21.08 -3.86
CA VAL A 604 3.76 19.84 -3.28
C VAL A 604 3.70 18.78 -4.38
N PHE A 605 4.03 17.54 -3.99
CA PHE A 605 4.01 16.39 -4.93
C PHE A 605 3.20 15.27 -4.32
N SER A 606 2.31 14.66 -5.09
CA SER A 606 1.47 13.59 -4.54
C SER A 606 0.89 12.68 -5.63
N GLY A 607 0.15 11.63 -5.28
CA GLY A 607 -0.37 10.69 -6.30
C GLY A 607 0.56 9.48 -6.37
N GLY A 608 0.05 8.31 -6.74
CA GLY A 608 0.80 7.06 -6.57
C GLY A 608 2.11 7.03 -7.35
N VAL A 609 2.21 7.84 -8.40
CA VAL A 609 3.42 7.82 -9.24
C VAL A 609 4.57 8.44 -8.44
N ILE A 610 4.24 9.27 -7.45
CA ILE A 610 5.27 9.96 -6.67
C ILE A 610 5.95 8.97 -5.70
N HIS A 611 5.46 7.74 -5.67
CA HIS A 611 6.23 6.65 -5.05
C HIS A 611 7.49 6.31 -5.87
N ASN A 612 7.62 6.81 -7.09
CA ASN A 612 8.83 6.54 -7.88
C ASN A 612 10.01 7.31 -7.31
N ARG A 613 10.99 6.61 -6.75
CA ARG A 613 12.11 7.30 -6.08
C ARG A 613 13.01 8.04 -7.05
N LEU A 614 13.15 7.52 -8.27
CA LEU A 614 13.99 8.17 -9.25
C LEU A 614 13.34 9.49 -9.71
N LEU A 615 12.04 9.47 -9.98
CA LEU A 615 11.35 10.70 -10.34
C LEU A 615 11.48 11.70 -9.21
N ARG A 616 11.34 11.26 -7.98
CA ARG A 616 11.44 12.18 -6.84
C ARG A 616 12.79 12.82 -6.78
N ALA A 617 13.84 11.99 -6.95
CA ALA A 617 15.21 12.48 -6.97
C ALA A 617 15.44 13.51 -8.06
N ARG A 618 14.95 13.24 -9.27
CA ARG A 618 15.13 14.18 -10.39
C ARG A 618 14.36 15.45 -10.18
N LEU A 619 13.10 15.36 -9.69
CA LEU A 619 12.33 16.59 -9.44
C LEU A 619 13.06 17.44 -8.41
N ALA A 620 13.58 16.82 -7.35
CA ALA A 620 14.24 17.61 -6.29
C ALA A 620 15.52 18.24 -6.78
N HIS A 621 16.24 17.56 -7.66
CA HIS A 621 17.42 18.10 -8.33
C HIS A 621 17.06 19.34 -9.14
N TYR A 622 15.99 19.28 -9.95
CA TYR A 622 15.64 20.39 -10.81
C TYR A 622 14.96 21.54 -10.09
N LEU A 623 14.35 21.28 -8.94
CA LEU A 623 13.55 22.29 -8.28
C LEU A 623 14.13 22.70 -6.93
N ALA A 624 15.45 22.61 -6.81
CA ALA A 624 16.10 22.93 -5.55
C ALA A 624 15.93 24.42 -5.20
N ASP A 625 15.52 25.27 -6.16
CA ASP A 625 15.18 26.68 -5.88
C ASP A 625 13.82 26.85 -5.16
N PHE A 626 13.13 25.76 -4.78
CA PHE A 626 11.83 25.89 -4.08
C PHE A 626 11.82 25.08 -2.80
N THR A 627 10.90 25.38 -1.90
CA THR A 627 10.68 24.50 -0.76
C THR A 627 9.86 23.33 -1.27
N LEU A 628 10.27 22.06 -1.01
CA LEU A 628 9.62 20.90 -1.68
C LEU A 628 8.93 20.03 -0.64
N LEU A 629 7.65 19.70 -0.87
CA LEU A 629 6.96 18.84 0.08
C LEU A 629 6.60 17.51 -0.53
N PHE A 630 7.16 16.41 -0.03
CA PHE A 630 6.85 15.08 -0.57
C PHE A 630 6.19 14.22 0.52
N PRO A 631 5.32 13.26 0.13
CA PRO A 631 4.77 12.42 1.21
C PRO A 631 5.86 11.57 1.87
N GLN A 632 5.68 11.26 3.15
CA GLN A 632 6.66 10.44 3.88
C GLN A 632 6.01 9.52 4.88
N SER A 633 5.08 10.04 5.68
CA SER A 633 4.54 9.15 6.72
C SER A 633 3.15 8.62 6.43
N LEU A 634 2.52 9.14 5.38
CA LEU A 634 1.34 8.54 4.83
C LEU A 634 1.70 8.19 3.37
N PRO A 635 1.01 7.24 2.77
CA PRO A 635 1.33 6.94 1.37
C PRO A 635 1.04 8.08 0.38
N ALA A 636 1.88 8.21 -0.64
CA ALA A 636 1.67 9.16 -1.73
C ALA A 636 0.41 8.78 -2.52
N GLY A 637 0.10 7.50 -2.51
CA GLY A 637 -1.01 6.96 -3.29
C GLY A 637 -2.39 7.07 -2.64
N ASP A 638 -3.33 6.26 -3.12
CA ASP A 638 -4.70 6.34 -2.69
C ASP A 638 -4.92 5.99 -1.22
N GLY A 639 -3.97 5.30 -0.59
CA GLY A 639 -4.08 5.03 0.85
C GLY A 639 -4.07 6.29 1.72
N GLY A 640 -3.61 7.41 1.17
CA GLY A 640 -3.57 8.68 1.93
C GLY A 640 -4.73 9.60 1.59
N LEU A 641 -5.59 9.18 0.64
CA LEU A 641 -6.59 10.06 0.08
C LEU A 641 -7.65 10.49 1.13
N SER A 642 -8.05 9.60 2.04
CA SER A 642 -9.14 9.93 2.99
C SER A 642 -8.68 11.12 3.83
N LEU A 643 -7.40 11.17 4.15
CA LEU A 643 -6.92 12.31 4.94
C LEU A 643 -7.03 13.64 4.19
N GLY A 644 -6.69 13.65 2.90
CA GLY A 644 -6.84 14.84 2.08
C GLY A 644 -8.29 15.32 2.01
N GLN A 645 -9.22 14.38 1.86
CA GLN A 645 -10.67 14.69 1.84
C GLN A 645 -11.08 15.33 3.18
N GLY A 646 -10.61 14.73 4.27
CA GLY A 646 -10.85 15.26 5.63
C GLY A 646 -10.41 16.71 5.87
N VAL A 647 -9.18 17.07 5.48
CA VAL A 647 -8.72 18.43 5.74
C VAL A 647 -9.39 19.48 4.85
N ILE A 648 -9.76 19.07 3.63
CA ILE A 648 -10.49 19.97 2.73
C ILE A 648 -11.91 20.22 3.27
N ALA A 649 -12.61 19.15 3.66
CA ALA A 649 -13.91 19.27 4.32
C ALA A 649 -13.83 20.17 5.56
N ALA A 650 -12.87 19.89 6.42
CA ALA A 650 -12.61 20.73 7.60
C ALA A 650 -12.37 22.20 7.24
N ALA A 651 -11.47 22.46 6.29
CA ALA A 651 -11.17 23.85 5.89
C ALA A 651 -12.39 24.59 5.35
N ARG A 652 -13.24 23.89 4.59
CA ARG A 652 -14.46 24.50 4.03
C ARG A 652 -15.39 24.89 5.17
N TRP A 653 -15.47 24.03 6.17
CA TRP A 653 -16.35 24.30 7.34
C TRP A 653 -15.78 25.45 8.17
N LEU A 654 -14.47 25.42 8.42
CA LEU A 654 -13.81 26.48 9.19
C LEU A 654 -13.91 27.84 8.56
N ALA A 655 -14.01 27.88 7.23
CA ALA A 655 -14.27 29.13 6.50
C ALA A 655 -15.78 29.52 6.46
N GLY A 656 -16.63 28.74 7.12
CA GLY A 656 -18.06 29.02 7.15
C GLY A 656 -18.85 28.76 5.88
N GLU A 657 -18.26 28.05 4.91
CA GLU A 657 -18.97 27.75 3.66
C GLU A 657 -20.14 26.83 3.96
#